data_8UXS
#
_entry.id   8UXS
#
_cell.length_a   44.381
_cell.length_b   88.165
_cell.length_c   88.512
_cell.angle_alpha   90.000
_cell.angle_beta   104.390
_cell.angle_gamma   90.000
#
_symmetry.space_group_name_H-M   'P 1 21 1'
#
loop_
_entity.id
_entity.type
_entity.pdbx_description
1 polymer 'Kelch domain-containing protein 2'
2 non-polymer '{4-[(2-{[(4-tert-butylphenyl)methyl]sulfanyl}acetamido)methyl]-1H-1,2,3-triazol-1-yl}acetic acid'
3 water water
#
_entity_poly.entity_id   1
_entity_poly.type   'polypeptide(L)'
_entity_poly.pdbx_seq_one_letter_code
;ESMELACPAERSGHVAVSDGRHMFVWGGYKSNQVRGLYDFYLPREELWIYNMETGRWKKINTEGDVPPSMSGSCAVCVDR
VLYLFGGHHSRGNTNKFYMLDSRSTDRVLQWERIDCQGIPPSSKDKLGVWVYKNKLIFFGGYGYLPEDKVLGTFEFDETS
FWNSSHPRGWNDHVHILDTETFTWSQPITTGKAPSPRAAHACATVGNRGFVFGGRYRDARMNDLHYLNLDTWEWNELIPQ
GICPVGRSWHSLTPVSSDHLFLFGGFTTDKQPLSDAWTYCISKNEWIQFNHPYTEKPRLWHTACASDEGEVIVFGGCANN
LLVHHRAAHSNEILIFSVQPK
;
_entity_poly.pdbx_strand_id   A,B
#
# COMPACT_ATOMS: atom_id res chain seq x y z
N CYS A 7 19.97 6.61 -15.51
CA CYS A 7 19.30 7.33 -14.43
C CYS A 7 18.61 6.42 -13.41
N PRO A 8 17.89 5.38 -13.84
CA PRO A 8 17.17 4.56 -12.85
C PRO A 8 18.13 3.82 -11.94
N ALA A 9 17.71 3.65 -10.69
CA ALA A 9 18.52 2.95 -9.72
C ALA A 9 18.57 1.46 -10.02
N GLU A 10 19.66 0.82 -9.60
CA GLU A 10 19.81 -0.61 -9.80
C GLU A 10 18.65 -1.35 -9.15
N ARG A 11 18.35 -2.54 -9.69
CA ARG A 11 17.21 -3.30 -9.19
C ARG A 11 17.21 -4.70 -9.80
N SER A 12 16.55 -5.61 -9.08
CA SER A 12 16.23 -6.94 -9.58
C SER A 12 14.76 -7.21 -9.28
N GLY A 13 14.18 -8.17 -10.01
CA GLY A 13 12.79 -8.52 -9.80
C GLY A 13 11.80 -7.49 -10.26
N HIS A 14 12.26 -6.49 -11.02
CA HIS A 14 11.39 -5.51 -11.65
C HIS A 14 10.65 -6.15 -12.82
N VAL A 15 9.79 -5.36 -13.46
CA VAL A 15 9.18 -5.73 -14.72
C VAL A 15 9.61 -4.73 -15.78
N ALA A 16 9.70 -5.22 -17.02
CA ALA A 16 10.04 -4.37 -18.16
C ALA A 16 9.22 -4.86 -19.35
N VAL A 17 8.41 -3.97 -19.92
CA VAL A 17 7.59 -4.27 -21.08
C VAL A 17 7.81 -3.18 -22.11
N SER A 18 7.50 -3.50 -23.37
CA SER A 18 7.89 -2.65 -24.47
C SER A 18 6.94 -2.81 -25.64
N ASP A 19 6.87 -1.77 -26.47
CA ASP A 19 6.18 -1.79 -27.74
C ASP A 19 7.14 -1.91 -28.91
N GLY A 20 8.41 -2.22 -28.65
CA GLY A 20 9.43 -2.24 -29.67
C GLY A 20 10.23 -0.96 -29.79
N ARG A 21 9.77 0.13 -29.19
CA ARG A 21 10.44 1.42 -29.25
C ARG A 21 10.68 2.00 -27.86
N HIS A 22 9.68 1.96 -26.98
CA HIS A 22 9.80 2.46 -25.62
C HIS A 22 9.66 1.29 -24.65
N MET A 23 10.58 1.22 -23.69
CA MET A 23 10.60 0.17 -22.68
C MET A 23 10.19 0.78 -21.34
N PHE A 24 9.14 0.22 -20.73
CA PHE A 24 8.62 0.69 -19.46
C PHE A 24 9.13 -0.21 -18.33
N VAL A 25 9.77 0.39 -17.34
CA VAL A 25 10.36 -0.33 -16.22
C VAL A 25 9.65 0.10 -14.94
N TRP A 26 9.29 -0.88 -14.10
CA TRP A 26 8.60 -0.60 -12.86
C TRP A 26 9.02 -1.60 -11.79
N GLY A 27 9.05 -1.12 -10.54
CA GLY A 27 9.17 -2.01 -9.41
C GLY A 27 10.56 -2.60 -9.21
N GLY A 28 10.58 -3.74 -8.53
CA GLY A 28 11.83 -4.39 -8.19
C GLY A 28 12.33 -3.99 -6.82
N TYR A 29 13.50 -4.51 -6.48
CA TYR A 29 14.12 -4.26 -5.19
C TYR A 29 15.63 -4.17 -5.37
N LYS A 30 16.30 -3.69 -4.32
CA LYS A 30 17.74 -3.60 -4.29
C LYS A 30 18.21 -3.77 -2.85
N SER A 31 19.53 -3.76 -2.66
CA SER A 31 20.13 -3.89 -1.35
C SER A 31 20.81 -2.59 -0.98
N ASN A 32 20.60 -2.12 0.24
CA ASN A 32 21.19 -0.88 0.71
C ASN A 32 20.97 -0.70 2.21
N ASP A 39 16.30 -5.52 1.16
CA ASP A 39 15.15 -5.76 0.30
C ASP A 39 14.21 -4.56 0.29
N PHE A 40 14.80 -3.36 0.34
CA PHE A 40 14.00 -2.15 0.18
C PHE A 40 13.53 -2.07 -1.27
N TYR A 41 12.23 -1.94 -1.45
CA TYR A 41 11.67 -1.89 -2.79
C TYR A 41 11.88 -0.52 -3.40
N LEU A 42 11.90 -0.47 -4.71
CA LEU A 42 12.04 0.81 -5.39
C LEU A 42 10.68 1.50 -5.47
N PRO A 43 10.67 2.83 -5.54
CA PRO A 43 9.43 3.58 -5.36
C PRO A 43 8.31 3.09 -6.27
N ARG A 44 7.15 2.84 -5.68
CA ARG A 44 6.01 2.28 -6.42
C ARG A 44 5.48 3.25 -7.46
N GLU A 45 5.57 4.55 -7.21
CA GLU A 45 4.96 5.52 -8.11
C GLU A 45 5.80 5.82 -9.34
N GLU A 46 7.07 5.41 -9.35
CA GLU A 46 7.95 5.73 -10.47
C GLU A 46 7.74 4.75 -11.62
N LEU A 47 7.64 5.28 -12.83
CA LEU A 47 7.60 4.49 -14.05
C LEU A 47 8.71 5.02 -14.95
N TRP A 48 9.73 4.20 -15.17
CA TRP A 48 10.85 4.59 -16.01
C TRP A 48 10.61 4.16 -17.44
N ILE A 49 10.90 5.07 -18.37
CA ILE A 49 10.71 4.83 -19.80
C ILE A 49 12.07 4.96 -20.48
N TYR A 50 12.48 3.92 -21.18
CA TYR A 50 13.74 3.89 -21.91
C TYR A 50 13.44 3.90 -23.40
N ASN A 51 13.97 4.90 -24.10
CA ASN A 51 13.83 4.98 -25.55
C ASN A 51 14.91 4.11 -26.18
N MET A 52 14.50 3.00 -26.81
CA MET A 52 15.46 2.06 -27.38
C MET A 52 16.20 2.64 -28.58
N GLU A 53 15.66 3.70 -29.21
CA GLU A 53 16.33 4.29 -30.36
C GLU A 53 17.40 5.28 -29.95
N THR A 54 17.11 6.11 -28.93
CA THR A 54 18.03 7.14 -28.50
C THR A 54 18.88 6.72 -27.30
N GLY A 55 18.45 5.72 -26.54
CA GLY A 55 19.17 5.34 -25.35
C GLY A 55 18.95 6.23 -24.16
N ARG A 56 17.89 7.04 -24.18
CA ARG A 56 17.64 8.01 -23.12
C ARG A 56 16.55 7.49 -22.18
N TRP A 57 16.70 7.82 -20.89
CA TRP A 57 15.73 7.47 -19.88
C TRP A 57 14.84 8.66 -19.56
N LYS A 58 13.62 8.37 -19.10
CA LYS A 58 12.70 9.39 -18.61
C LYS A 58 11.89 8.79 -17.48
N LYS A 59 11.80 9.51 -16.37
CA LYS A 59 11.00 9.08 -15.23
C LYS A 59 9.71 9.89 -15.19
N ILE A 60 8.59 9.21 -14.97
CA ILE A 60 7.31 9.85 -14.74
C ILE A 60 6.70 9.25 -13.48
N ASN A 61 6.07 10.10 -12.67
CA ASN A 61 5.39 9.66 -11.46
C ASN A 61 3.93 9.45 -11.77
N THR A 62 3.44 8.25 -11.46
CA THR A 62 2.07 7.86 -11.79
C THR A 62 1.15 8.10 -10.60
N GLU A 63 -0.14 8.10 -10.88
CA GLU A 63 -1.18 8.32 -9.87
C GLU A 63 -2.21 7.21 -10.00
N GLY A 64 -3.39 7.44 -9.43
CA GLY A 64 -4.44 6.44 -9.47
C GLY A 64 -4.21 5.34 -8.44
N ASP A 65 -4.66 4.13 -8.77
CA ASP A 65 -4.50 2.97 -7.91
C ASP A 65 -3.09 2.39 -8.11
N VAL A 66 -2.12 3.14 -7.61
CA VAL A 66 -0.72 2.72 -7.78
C VAL A 66 -0.52 1.38 -7.07
N PRO A 67 0.01 0.36 -7.74
CA PRO A 67 0.24 -0.92 -7.06
C PRO A 67 1.25 -0.78 -5.95
N PRO A 68 1.26 -1.69 -4.98
CA PRO A 68 2.33 -1.68 -3.97
C PRO A 68 3.67 -1.96 -4.62
N SER A 69 4.72 -1.42 -4.02
CA SER A 69 6.07 -1.73 -4.46
C SER A 69 6.30 -3.23 -4.37
N MET A 70 6.77 -3.84 -5.46
CA MET A 70 6.78 -5.29 -5.56
C MET A 70 7.96 -5.78 -6.39
N SER A 71 8.42 -6.98 -6.05
CA SER A 71 9.30 -7.76 -6.92
C SER A 71 8.53 -8.97 -7.42
N GLY A 72 9.01 -9.53 -8.53
CA GLY A 72 8.42 -10.75 -9.05
C GLY A 72 7.07 -10.59 -9.70
N SER A 73 6.62 -9.36 -9.96
CA SER A 73 5.35 -9.17 -10.65
C SER A 73 5.46 -9.60 -12.11
N CYS A 74 4.31 -9.77 -12.74
CA CYS A 74 4.20 -10.21 -14.12
C CYS A 74 3.48 -9.14 -14.93
N ALA A 75 4.12 -8.66 -16.00
CA ALA A 75 3.58 -7.52 -16.74
C ALA A 75 3.63 -7.77 -18.24
N VAL A 76 2.71 -7.12 -18.96
CA VAL A 76 2.66 -7.16 -20.41
C VAL A 76 2.29 -5.76 -20.90
N CYS A 77 2.64 -5.49 -22.16
CA CYS A 77 2.23 -4.28 -22.86
C CYS A 77 1.50 -4.68 -24.13
N VAL A 78 0.23 -4.30 -24.22
CA VAL A 78 -0.61 -4.59 -25.38
C VAL A 78 -1.25 -3.28 -25.83
N ASP A 79 -0.93 -2.86 -27.06
CA ASP A 79 -1.47 -1.62 -27.61
C ASP A 79 -1.17 -0.43 -26.67
N ARG A 80 0.04 -0.41 -26.13
CA ARG A 80 0.50 0.61 -25.20
C ARG A 80 -0.32 0.64 -23.91
N VAL A 81 -1.13 -0.38 -23.65
CA VAL A 81 -1.78 -0.55 -22.35
C VAL A 81 -0.94 -1.54 -21.54
N LEU A 82 -0.56 -1.13 -20.33
CA LEU A 82 0.26 -1.94 -19.45
C LEU A 82 -0.64 -2.72 -18.51
N TYR A 83 -0.40 -4.02 -18.40
CA TYR A 83 -1.11 -4.88 -17.45
C TYR A 83 -0.11 -5.49 -16.49
N LEU A 84 -0.47 -5.54 -15.21
CA LEU A 84 0.40 -6.04 -14.15
C LEU A 84 -0.37 -7.01 -13.28
N PHE A 85 0.20 -8.19 -13.04
CA PHE A 85 -0.42 -9.18 -12.18
C PHE A 85 0.58 -9.74 -11.17
N GLY A 86 0.11 -9.97 -9.95
CA GLY A 86 0.90 -10.66 -8.95
C GLY A 86 2.10 -9.86 -8.48
N GLY A 87 3.01 -10.56 -7.83
CA GLY A 87 4.21 -9.99 -7.27
C GLY A 87 4.30 -10.22 -5.77
N HIS A 88 5.38 -9.71 -5.19
CA HIS A 88 5.65 -9.83 -3.77
C HIS A 88 5.90 -8.45 -3.21
N HIS A 89 5.03 -7.98 -2.32
CA HIS A 89 5.21 -6.71 -1.64
C HIS A 89 5.67 -6.96 -0.21
N SER A 90 5.80 -5.88 0.56
CA SER A 90 6.40 -5.97 1.89
C SER A 90 5.62 -6.90 2.82
N ARG A 91 4.36 -7.21 2.50
CA ARG A 91 3.53 -8.08 3.33
C ARG A 91 3.18 -9.40 2.66
N GLY A 92 3.83 -9.74 1.55
CA GLY A 92 3.69 -11.05 0.93
C GLY A 92 3.23 -10.96 -0.51
N ASN A 93 2.77 -12.10 -1.02
CA ASN A 93 2.36 -12.23 -2.40
C ASN A 93 0.93 -11.73 -2.60
N THR A 94 0.60 -11.44 -3.85
CA THR A 94 -0.70 -10.89 -4.20
C THR A 94 -1.20 -11.53 -5.47
N ASN A 95 -2.51 -11.42 -5.69
CA ASN A 95 -3.13 -11.80 -6.95
C ASN A 95 -3.94 -10.65 -7.55
N LYS A 96 -3.61 -9.41 -7.16
CA LYS A 96 -4.29 -8.25 -7.71
C LYS A 96 -3.85 -8.02 -9.15
N PHE A 97 -4.73 -7.40 -9.93
CA PHE A 97 -4.50 -7.11 -11.34
C PHE A 97 -4.65 -5.61 -11.56
N TYR A 98 -3.64 -5.01 -12.19
CA TYR A 98 -3.61 -3.58 -12.44
C TYR A 98 -3.46 -3.31 -13.93
N MET A 99 -3.83 -2.08 -14.31
CA MET A 99 -3.76 -1.63 -15.69
C MET A 99 -3.28 -0.19 -15.70
N LEU A 100 -2.41 0.13 -16.66
CA LEU A 100 -1.92 1.50 -16.85
C LEU A 100 -1.98 1.81 -18.34
N ASP A 101 -2.92 2.67 -18.73
CA ASP A 101 -2.99 3.16 -20.10
C ASP A 101 -1.90 4.21 -20.31
N SER A 102 -0.90 3.87 -21.12
CA SER A 102 0.20 4.78 -21.41
C SER A 102 0.00 5.56 -22.71
N ARG A 103 -1.18 5.47 -23.30
CA ARG A 103 -1.47 6.23 -24.53
C ARG A 103 -1.88 7.66 -24.21
N VAL A 108 -1.28 12.69 -17.65
CA VAL A 108 -0.74 12.14 -16.42
C VAL A 108 -1.22 10.69 -16.26
N LEU A 109 -0.28 9.76 -16.17
CA LEU A 109 -0.63 8.34 -16.20
C LEU A 109 -1.24 7.92 -14.87
N GLN A 110 -2.34 7.16 -14.96
CA GLN A 110 -3.12 6.75 -13.80
C GLN A 110 -3.22 5.24 -13.80
N TRP A 111 -2.73 4.61 -12.73
CA TRP A 111 -2.97 3.19 -12.53
C TRP A 111 -4.45 2.95 -12.21
N GLU A 112 -4.95 1.80 -12.63
CA GLU A 112 -6.31 1.40 -12.34
C GLU A 112 -6.30 -0.07 -11.94
N ARG A 113 -6.72 -0.36 -10.71
CA ARG A 113 -6.85 -1.73 -10.24
C ARG A 113 -8.19 -2.29 -10.74
N ILE A 114 -8.13 -3.45 -11.39
CA ILE A 114 -9.31 -4.05 -12.01
C ILE A 114 -9.85 -5.13 -11.08
N ASP A 115 -11.11 -4.99 -10.68
CA ASP A 115 -11.81 -6.00 -9.90
C ASP A 115 -12.35 -7.04 -10.87
N CYS A 116 -11.52 -8.04 -11.16
CA CYS A 116 -11.86 -9.02 -12.18
C CYS A 116 -12.93 -9.98 -11.68
N GLN A 117 -13.73 -10.49 -12.62
CA GLN A 117 -14.69 -11.53 -12.31
C GLN A 117 -14.02 -12.90 -12.39
N GLY A 118 -14.74 -13.92 -11.92
CA GLY A 118 -14.22 -15.26 -11.91
C GLY A 118 -13.27 -15.50 -10.75
N ILE A 119 -12.76 -16.72 -10.70
CA ILE A 119 -11.84 -17.15 -9.64
C ILE A 119 -10.43 -16.75 -10.07
N PRO A 120 -9.76 -15.84 -9.36
CA PRO A 120 -8.42 -15.44 -9.77
C PRO A 120 -7.41 -16.52 -9.43
N PRO A 121 -6.20 -16.43 -9.97
CA PRO A 121 -5.15 -17.37 -9.56
C PRO A 121 -4.77 -17.14 -8.12
N SER A 122 -4.05 -18.10 -7.56
CA SER A 122 -3.52 -17.93 -6.22
C SER A 122 -2.52 -16.78 -6.19
N SER A 123 -2.34 -16.18 -5.00
CA SER A 123 -1.38 -15.11 -4.84
C SER A 123 0.04 -15.65 -5.02
N LYS A 124 0.79 -15.04 -5.94
CA LYS A 124 2.07 -15.62 -6.32
C LYS A 124 2.92 -14.58 -7.05
N ASP A 125 4.18 -14.96 -7.30
CA ASP A 125 5.13 -14.14 -8.03
C ASP A 125 6.00 -15.06 -8.87
N LYS A 126 6.94 -14.44 -9.59
CA LYS A 126 7.93 -15.18 -10.37
C LYS A 126 7.26 -16.19 -11.29
N LEU A 127 6.32 -15.70 -12.10
CA LEU A 127 5.60 -16.54 -13.04
C LEU A 127 5.86 -16.06 -14.46
N GLY A 128 4.99 -16.43 -15.40
CA GLY A 128 5.12 -16.00 -16.77
C GLY A 128 3.75 -15.77 -17.37
N VAL A 129 3.74 -15.07 -18.51
CA VAL A 129 2.50 -14.73 -19.18
C VAL A 129 2.71 -14.82 -20.68
N TRP A 130 1.71 -15.37 -21.38
CA TRP A 130 1.62 -15.31 -22.82
C TRP A 130 0.46 -14.41 -23.21
N VAL A 131 0.62 -13.69 -24.32
CA VAL A 131 -0.41 -12.81 -24.84
C VAL A 131 -0.89 -13.38 -26.16
N TYR A 132 -2.19 -13.67 -26.25
CA TYR A 132 -2.77 -14.23 -27.47
C TYR A 132 -4.16 -13.64 -27.65
N LYS A 133 -4.29 -12.77 -28.66
CA LYS A 133 -5.58 -12.16 -29.02
C LYS A 133 -6.09 -11.40 -27.79
N ASN A 134 -7.30 -11.67 -27.31
CA ASN A 134 -7.87 -10.96 -26.17
C ASN A 134 -7.47 -11.57 -24.84
N LYS A 135 -6.60 -12.57 -24.83
CA LYS A 135 -6.32 -13.35 -23.63
C LYS A 135 -4.91 -13.05 -23.12
N LEU A 136 -4.82 -12.85 -21.80
CA LEU A 136 -3.55 -12.94 -21.07
C LEU A 136 -3.55 -14.28 -20.36
N ILE A 137 -2.54 -15.10 -20.65
CA ILE A 137 -2.48 -16.48 -20.17
C ILE A 137 -1.28 -16.59 -19.26
N PHE A 138 -1.52 -16.81 -17.97
CA PHE A 138 -0.47 -16.87 -16.96
C PHE A 138 -0.16 -18.33 -16.63
N PHE A 139 1.12 -18.61 -16.37
CA PHE A 139 1.56 -19.96 -16.05
C PHE A 139 2.50 -19.96 -14.85
N GLY A 140 2.24 -20.85 -13.89
CA GLY A 140 3.19 -21.15 -12.85
C GLY A 140 3.31 -20.06 -11.80
N GLY A 141 4.41 -20.12 -11.06
CA GLY A 141 4.76 -19.14 -10.06
C GLY A 141 4.92 -19.75 -8.69
N TYR A 142 5.19 -18.86 -7.73
CA TYR A 142 5.48 -19.22 -6.34
C TYR A 142 4.61 -18.36 -5.44
N GLY A 143 3.93 -19.00 -4.49
CA GLY A 143 3.07 -18.26 -3.58
C GLY A 143 2.29 -19.20 -2.68
N TYR A 144 1.20 -18.66 -2.12
CA TYR A 144 0.45 -19.35 -1.08
C TYR A 144 -0.41 -20.47 -1.65
N LEU A 145 -0.82 -21.36 -0.77
CA LEU A 145 -1.75 -22.41 -1.13
C LEU A 145 -3.00 -21.79 -1.76
N PRO A 146 -3.47 -22.29 -2.90
CA PRO A 146 -4.73 -21.77 -3.45
C PRO A 146 -5.86 -21.89 -2.44
N GLU A 147 -6.53 -20.76 -2.19
CA GLU A 147 -7.64 -20.77 -1.25
C GLU A 147 -8.73 -21.75 -1.67
N ASP A 148 -8.91 -21.92 -2.98
CA ASP A 148 -9.87 -22.89 -3.49
C ASP A 148 -9.22 -24.27 -3.62
N VAL A 150 -8.27 -26.19 -7.39
CA VAL A 150 -8.56 -25.80 -8.77
C VAL A 150 -7.69 -26.62 -9.72
N LEU A 151 -7.85 -26.38 -11.02
CA LEU A 151 -7.17 -27.18 -12.03
C LEU A 151 -5.67 -26.99 -11.96
N GLY A 152 -4.93 -28.08 -11.87
CA GLY A 152 -3.48 -28.08 -11.80
C GLY A 152 -3.00 -28.67 -10.49
N THR A 153 -1.70 -28.49 -10.24
CA THR A 153 -1.07 -29.03 -9.05
C THR A 153 -0.24 -27.95 -8.36
N PHE A 154 -0.22 -28.01 -7.04
CA PHE A 154 0.55 -27.10 -6.19
C PHE A 154 1.43 -27.95 -5.28
N GLU A 155 2.71 -27.63 -5.22
CA GLU A 155 3.68 -28.37 -4.41
C GLU A 155 4.33 -27.43 -3.43
N PHE A 156 4.22 -27.74 -2.13
CA PHE A 156 4.77 -26.89 -1.09
C PHE A 156 6.30 -26.89 -1.15
N ASP A 157 6.87 -25.74 -0.80
CA ASP A 157 8.31 -25.63 -0.57
C ASP A 157 8.54 -25.88 0.91
N GLU A 158 9.12 -27.03 1.24
CA GLU A 158 9.26 -27.43 2.64
C GLU A 158 9.98 -26.38 3.47
N THR A 159 10.93 -25.65 2.86
CA THR A 159 11.66 -24.64 3.61
C THR A 159 10.79 -23.43 3.94
N SER A 160 9.66 -23.26 3.26
CA SER A 160 8.79 -22.11 3.51
C SER A 160 8.11 -22.19 4.87
N PHE A 161 8.01 -23.37 5.47
CA PHE A 161 7.32 -23.52 6.74
C PHE A 161 8.11 -22.98 7.92
N TRP A 162 9.41 -22.71 7.73
CA TRP A 162 10.26 -22.21 8.80
C TRP A 162 10.69 -20.78 8.61
N ASN A 163 10.77 -20.30 7.37
CA ASN A 163 11.23 -18.95 7.08
C ASN A 163 10.09 -17.94 6.89
N SER A 164 8.85 -18.35 7.16
CA SER A 164 7.72 -17.50 6.83
C SER A 164 6.54 -17.80 7.76
N SER A 165 5.60 -16.86 7.80
CA SER A 165 4.37 -17.05 8.56
C SER A 165 3.42 -18.00 7.85
N HIS A 166 3.27 -17.83 6.53
CA HIS A 166 2.44 -18.70 5.72
C HIS A 166 3.32 -19.47 4.75
N PRO A 167 3.18 -20.78 4.62
CA PRO A 167 4.03 -21.53 3.70
C PRO A 167 3.64 -21.27 2.25
N ARG A 168 4.58 -21.55 1.35
CA ARG A 168 4.42 -21.27 -0.06
C ARG A 168 4.95 -22.44 -0.86
N GLY A 169 4.60 -22.46 -2.14
CA GLY A 169 5.02 -23.55 -3.01
C GLY A 169 4.87 -23.15 -4.46
N TRP A 170 5.23 -24.08 -5.34
CA TRP A 170 5.19 -23.88 -6.78
C TRP A 170 3.91 -24.47 -7.36
N ASN A 171 3.48 -23.91 -8.49
CA ASN A 171 2.28 -24.38 -9.17
C ASN A 171 2.56 -24.51 -10.65
N ASP A 172 1.74 -25.32 -11.32
CA ASP A 172 1.75 -25.46 -12.76
C ASP A 172 0.44 -24.95 -13.36
N HIS A 173 -0.20 -24.00 -12.70
CA HIS A 173 -1.53 -23.56 -13.10
C HIS A 173 -1.47 -22.72 -14.37
N VAL A 174 -2.47 -22.89 -15.21
CA VAL A 174 -2.70 -22.03 -16.36
C VAL A 174 -4.00 -21.28 -16.11
N HIS A 175 -3.94 -19.95 -16.16
CA HIS A 175 -5.10 -19.10 -15.96
C HIS A 175 -5.20 -18.11 -17.11
N ILE A 176 -6.42 -17.91 -17.60
CA ILE A 176 -6.72 -16.93 -18.64
C ILE A 176 -7.42 -15.74 -18.00
N LEU A 177 -6.96 -14.55 -18.33
CA LEU A 177 -7.73 -13.32 -18.09
C LEU A 177 -8.22 -12.81 -19.43
N ASP A 178 -9.54 -12.81 -19.60
CA ASP A 178 -10.16 -12.34 -20.83
C ASP A 178 -10.33 -10.83 -20.75
N THR A 179 -9.51 -10.10 -21.51
CA THR A 179 -9.57 -8.63 -21.45
C THR A 179 -10.83 -8.07 -22.09
N GLU A 180 -11.61 -8.88 -22.80
CA GLU A 180 -12.92 -8.44 -23.27
C GLU A 180 -13.84 -8.18 -22.10
N THR A 181 -13.78 -9.02 -21.07
CA THR A 181 -14.65 -8.92 -19.91
C THR A 181 -13.88 -8.86 -18.59
N PHE A 182 -12.55 -8.93 -18.62
CA PHE A 182 -11.73 -9.02 -17.42
C PHE A 182 -12.27 -10.11 -16.48
N THR A 183 -12.42 -11.31 -17.05
CA THR A 183 -12.92 -12.47 -16.33
C THR A 183 -11.83 -13.53 -16.28
N TRP A 184 -11.58 -14.07 -15.09
CA TRP A 184 -10.63 -15.16 -14.93
C TRP A 184 -11.28 -16.49 -15.29
N SER A 185 -10.47 -17.38 -15.84
CA SER A 185 -10.92 -18.75 -16.12
C SER A 185 -9.68 -19.63 -16.21
N GLN A 186 -9.92 -20.94 -16.26
CA GLN A 186 -8.87 -21.92 -16.45
C GLN A 186 -9.22 -22.80 -17.65
N PRO A 187 -8.33 -22.93 -18.63
CA PRO A 187 -8.60 -23.85 -19.74
C PRO A 187 -8.34 -25.29 -19.35
N ILE A 188 -9.10 -26.19 -19.98
CA ILE A 188 -8.83 -27.62 -19.87
C ILE A 188 -7.72 -27.95 -20.87
N THR A 189 -6.54 -28.27 -20.36
CA THR A 189 -5.39 -28.58 -21.20
C THR A 189 -5.22 -30.09 -21.34
N THR A 190 -4.68 -30.50 -22.48
CA THR A 190 -4.28 -31.87 -22.73
C THR A 190 -2.76 -31.92 -22.89
N GLY A 191 -2.22 -33.13 -22.85
CA GLY A 191 -0.79 -33.32 -22.87
C GLY A 191 -0.19 -33.18 -21.48
N LYS A 192 1.11 -33.45 -21.40
CA LYS A 192 1.82 -33.38 -20.11
C LYS A 192 2.28 -31.94 -19.90
N ALA A 193 1.70 -31.29 -18.89
CA ALA A 193 2.13 -29.96 -18.53
C ALA A 193 3.52 -30.01 -17.90
N PRO A 194 4.28 -28.93 -18.00
CA PRO A 194 5.54 -28.87 -17.23
C PRO A 194 5.25 -29.02 -15.75
N SER A 195 6.24 -29.51 -15.01
CA SER A 195 6.10 -29.57 -13.57
C SER A 195 5.83 -28.17 -13.01
N PRO A 196 5.28 -28.08 -11.80
CA PRO A 196 5.18 -26.78 -11.14
C PRO A 196 6.55 -26.11 -11.11
N ARG A 197 6.57 -24.79 -11.25
CA ARG A 197 7.83 -24.08 -11.28
C ARG A 197 7.58 -22.59 -11.08
N ALA A 198 8.66 -21.89 -10.74
CA ALA A 198 8.70 -20.44 -10.68
C ALA A 198 10.04 -19.97 -11.22
N ALA A 199 10.14 -18.69 -11.52
CA ALA A 199 11.34 -18.10 -12.09
C ALA A 199 11.69 -18.72 -13.43
N HIS A 200 10.70 -19.33 -14.08
CA HIS A 200 10.82 -19.77 -15.47
C HIS A 200 10.71 -18.56 -16.39
N ALA A 201 10.85 -18.79 -17.69
CA ALA A 201 10.74 -17.73 -18.69
C ALA A 201 9.73 -18.16 -19.75
N CYS A 202 8.82 -17.27 -20.08
CA CYS A 202 7.78 -17.52 -21.08
C CYS A 202 8.00 -16.62 -22.29
N ALA A 203 7.64 -17.13 -23.46
CA ALA A 203 7.71 -16.37 -24.70
C ALA A 203 6.60 -16.85 -25.63
N THR A 204 6.00 -15.91 -26.36
CA THR A 204 4.90 -16.19 -27.26
C THR A 204 5.31 -15.90 -28.70
N VAL A 205 5.04 -16.85 -29.59
CA VAL A 205 5.14 -16.65 -31.03
C VAL A 205 3.92 -17.29 -31.66
N GLY A 206 3.08 -16.49 -32.30
CA GLY A 206 1.86 -17.03 -32.85
C GLY A 206 0.97 -17.58 -31.74
N ASN A 207 0.47 -18.79 -31.94
CA ASN A 207 -0.38 -19.46 -30.97
C ASN A 207 0.38 -20.45 -30.11
N ARG A 208 1.69 -20.25 -29.95
CA ARG A 208 2.53 -21.13 -29.15
C ARG A 208 3.11 -20.34 -27.98
N GLY A 209 2.77 -20.76 -26.77
CA GLY A 209 3.35 -20.19 -25.57
C GLY A 209 4.47 -21.04 -25.04
N PHE A 210 5.71 -20.63 -25.30
CA PHE A 210 6.87 -21.40 -24.86
C PHE A 210 7.19 -21.10 -23.40
N VAL A 211 7.72 -22.11 -22.71
CA VAL A 211 8.28 -21.94 -21.37
C VAL A 211 9.54 -22.76 -21.28
N PHE A 212 10.57 -22.19 -20.67
CA PHE A 212 11.88 -22.81 -20.54
C PHE A 212 12.39 -22.67 -19.12
N GLY A 213 12.90 -23.77 -18.57
CA GLY A 213 13.59 -23.73 -17.29
C GLY A 213 12.67 -23.40 -16.13
N GLY A 214 13.28 -22.82 -15.09
CA GLY A 214 12.58 -22.50 -13.87
C GLY A 214 13.07 -23.34 -12.69
N ARG A 215 12.68 -22.89 -11.51
CA ARG A 215 13.04 -23.55 -10.26
C ARG A 215 11.89 -24.44 -9.82
N TYR A 216 12.22 -25.68 -9.44
CA TYR A 216 11.25 -26.61 -8.89
C TYR A 216 11.98 -27.52 -7.91
N ARG A 217 11.53 -27.52 -6.66
CA ARG A 217 12.14 -28.32 -5.59
C ARG A 217 13.62 -27.94 -5.52
N ASP A 218 14.55 -28.85 -5.78
CA ASP A 218 15.98 -28.61 -5.62
C ASP A 218 16.69 -28.42 -6.95
N ALA A 219 15.96 -28.29 -8.04
CA ALA A 219 16.54 -28.20 -9.37
C ALA A 219 16.14 -26.89 -10.06
N ARG A 220 17.06 -26.37 -10.85
CA ARG A 220 16.77 -25.33 -11.83
C ARG A 220 16.93 -25.99 -13.21
N MET A 221 15.82 -26.10 -13.93
CA MET A 221 15.64 -27.12 -14.93
C MET A 221 16.01 -26.63 -16.33
N ASN A 222 16.14 -27.59 -17.25
CA ASN A 222 16.60 -27.34 -18.60
C ASN A 222 15.58 -27.73 -19.66
N ASP A 223 14.33 -27.96 -19.28
CA ASP A 223 13.33 -28.46 -20.21
C ASP A 223 12.60 -27.31 -20.90
N LEU A 224 12.10 -27.61 -22.10
CA LEU A 224 11.43 -26.64 -22.96
C LEU A 224 10.10 -27.23 -23.40
N HIS A 225 9.04 -26.48 -23.19
CA HIS A 225 7.69 -26.87 -23.60
C HIS A 225 7.03 -25.71 -24.33
N TYR A 226 5.89 -25.99 -24.96
CA TYR A 226 5.02 -24.92 -25.42
C TYR A 226 3.58 -25.39 -25.30
N LEU A 227 2.71 -24.44 -24.99
CA LEU A 227 1.27 -24.67 -24.91
C LEU A 227 0.63 -24.09 -26.16
N ASN A 228 -0.07 -24.92 -26.91
CA ASN A 228 -0.84 -24.44 -28.05
C ASN A 228 -2.02 -23.62 -27.52
N LEU A 229 -1.99 -22.31 -27.77
CA LEU A 229 -2.99 -21.41 -27.21
C LEU A 229 -4.30 -21.42 -27.99
N ASP A 230 -4.40 -22.24 -29.03
CA ASP A 230 -5.66 -22.50 -29.72
C ASP A 230 -6.32 -23.78 -29.23
N THR A 231 -5.55 -24.87 -29.17
CA THR A 231 -6.07 -26.18 -28.78
C THR A 231 -5.82 -26.52 -27.32
N TRP A 232 -4.97 -25.75 -26.63
CA TRP A 232 -4.67 -25.99 -25.22
C TRP A 232 -4.02 -27.36 -25.02
N GLU A 233 -3.17 -27.74 -25.97
CA GLU A 233 -2.39 -28.97 -25.88
C GLU A 233 -0.97 -28.62 -25.49
N TRP A 234 -0.45 -29.28 -24.45
CA TRP A 234 0.94 -29.14 -24.07
C TRP A 234 1.82 -30.01 -24.94
N ASN A 235 3.00 -29.49 -25.30
CA ASN A 235 3.99 -30.22 -26.07
C ASN A 235 5.35 -30.01 -25.43
N GLU A 236 6.10 -31.08 -25.20
CA GLU A 236 7.49 -30.97 -24.79
C GLU A 236 8.38 -30.97 -26.02
N LEU A 237 9.36 -30.08 -26.02
CA LEU A 237 10.31 -29.95 -27.12
C LEU A 237 11.64 -30.55 -26.69
N ILE A 238 12.16 -31.46 -27.50
CA ILE A 238 13.43 -32.12 -27.22
C ILE A 238 14.41 -31.75 -28.33
N PRO A 239 15.07 -30.60 -28.24
CA PRO A 239 16.03 -30.23 -29.29
C PRO A 239 17.20 -31.20 -29.30
N GLN A 240 17.63 -31.59 -30.50
CA GLN A 240 18.76 -32.49 -30.64
C GLN A 240 20.06 -31.69 -30.63
N GLY A 241 21.10 -32.32 -30.11
CA GLY A 241 22.37 -31.65 -29.98
C GLY A 241 22.53 -30.96 -28.65
N ILE A 242 23.37 -29.93 -28.60
CA ILE A 242 23.71 -29.28 -27.34
C ILE A 242 22.64 -28.27 -26.97
N CYS A 243 22.26 -28.28 -25.70
CA CYS A 243 21.23 -27.41 -25.15
C CYS A 243 21.79 -26.59 -23.99
N PRO A 244 21.17 -25.46 -23.66
CA PRO A 244 21.68 -24.65 -22.54
C PRO A 244 21.49 -25.36 -21.21
N VAL A 245 22.38 -25.04 -20.27
CA VAL A 245 22.26 -25.59 -18.93
C VAL A 245 20.94 -25.14 -18.31
N GLY A 246 20.37 -26.01 -17.47
CA GLY A 246 19.16 -25.63 -16.77
C GLY A 246 19.36 -24.42 -15.88
N ARG A 247 18.30 -23.65 -15.70
CA ARG A 247 18.46 -22.36 -15.03
C ARG A 247 17.10 -21.82 -14.61
N SER A 248 17.15 -20.83 -13.73
CA SER A 248 16.02 -19.99 -13.38
C SER A 248 16.46 -18.54 -13.48
N TRP A 249 15.51 -17.63 -13.35
CA TRP A 249 15.79 -16.19 -13.32
C TRP A 249 16.49 -15.74 -14.61
N HIS A 250 16.24 -16.45 -15.70
CA HIS A 250 16.69 -16.12 -17.03
C HIS A 250 15.60 -15.36 -17.78
N SER A 251 15.96 -14.85 -18.95
CA SER A 251 15.00 -14.20 -19.85
C SER A 251 14.89 -14.98 -21.15
N LEU A 252 13.68 -15.04 -21.70
CA LEU A 252 13.43 -15.69 -22.98
C LEU A 252 12.56 -14.75 -23.80
N THR A 253 13.09 -14.24 -24.91
CA THR A 253 12.49 -13.14 -25.63
C THR A 253 12.34 -13.48 -27.11
N PRO A 254 11.14 -13.38 -27.68
CA PRO A 254 11.00 -13.56 -29.13
C PRO A 254 11.65 -12.40 -29.88
N VAL A 255 12.51 -12.74 -30.85
CA VAL A 255 13.16 -11.76 -31.69
C VAL A 255 12.73 -11.86 -33.14
N SER A 256 11.85 -12.80 -33.47
CA SER A 256 11.31 -12.98 -34.81
C SER A 256 10.21 -14.03 -34.70
N SER A 257 9.59 -14.35 -35.84
CA SER A 257 8.59 -15.40 -35.84
C SER A 257 9.20 -16.79 -35.75
N ASP A 258 10.52 -16.90 -35.63
CA ASP A 258 11.18 -18.20 -35.62
C ASP A 258 12.30 -18.32 -34.61
N HIS A 259 12.57 -17.31 -33.79
CA HIS A 259 13.71 -17.35 -32.88
C HIS A 259 13.35 -16.75 -31.52
N LEU A 260 13.77 -17.44 -30.47
CA LEU A 260 13.66 -16.97 -29.10
C LEU A 260 15.06 -16.76 -28.54
N PHE A 261 15.27 -15.64 -27.85
CA PHE A 261 16.58 -15.28 -27.32
C PHE A 261 16.63 -15.57 -25.82
N LEU A 262 17.58 -16.40 -25.42
CA LEU A 262 17.79 -16.77 -24.02
C LEU A 262 19.06 -16.09 -23.51
N PHE A 263 18.97 -15.48 -22.33
CA PHE A 263 20.15 -14.88 -21.72
C PHE A 263 20.10 -14.99 -20.20
N GLY A 264 21.26 -15.28 -19.62
CA GLY A 264 21.45 -15.15 -18.19
C GLY A 264 20.79 -16.26 -17.40
N GLY A 265 20.67 -15.99 -16.10
CA GLY A 265 20.02 -16.92 -15.21
C GLY A 265 20.93 -17.47 -14.13
N PHE A 266 20.51 -18.58 -13.53
CA PHE A 266 21.07 -19.09 -12.28
C PHE A 266 20.94 -20.60 -12.30
N THR A 267 22.06 -21.30 -12.18
CA THR A 267 22.04 -22.76 -12.28
C THR A 267 21.66 -23.41 -10.96
N THR A 268 21.29 -24.69 -11.04
CA THR A 268 21.08 -25.49 -9.83
C THR A 268 22.27 -25.36 -8.90
N ASP A 269 23.48 -25.27 -9.46
CA ASP A 269 24.71 -25.15 -8.71
C ASP A 269 25.02 -23.71 -8.30
N LYS A 270 24.03 -22.82 -8.37
CA LYS A 270 24.16 -21.44 -7.90
C LYS A 270 25.24 -20.68 -8.67
N GLN A 271 25.35 -20.96 -9.96
CA GLN A 271 26.29 -20.25 -10.82
C GLN A 271 25.55 -19.16 -11.57
N PRO A 272 25.91 -17.88 -11.42
CA PRO A 272 25.33 -16.85 -12.30
C PRO A 272 25.80 -17.05 -13.74
N LEU A 273 24.89 -16.78 -14.67
CA LEU A 273 25.09 -17.12 -16.07
C LEU A 273 25.19 -15.87 -16.94
N SER A 274 26.11 -15.91 -17.91
CA SER A 274 26.27 -14.85 -18.89
C SER A 274 26.18 -15.37 -20.32
N ASP A 275 25.82 -16.64 -20.50
CA ASP A 275 25.70 -17.20 -21.83
C ASP A 275 24.38 -16.80 -22.48
N ALA A 276 24.41 -16.70 -23.80
CA ALA A 276 23.25 -16.31 -24.58
C ALA A 276 23.05 -17.30 -25.72
N TRP A 277 21.78 -17.66 -25.96
CA TRP A 277 21.42 -18.57 -27.03
C TRP A 277 20.19 -18.07 -27.75
N THR A 278 20.00 -18.56 -28.98
CA THR A 278 18.73 -18.45 -29.68
C THR A 278 18.20 -19.85 -29.91
N TYR A 279 16.91 -20.04 -29.65
CA TYR A 279 16.22 -21.27 -30.01
C TYR A 279 15.53 -21.06 -31.34
N CYS A 280 15.93 -21.82 -32.35
CA CYS A 280 15.29 -21.76 -33.64
C CYS A 280 14.07 -22.67 -33.63
N ILE A 281 12.88 -22.08 -33.78
CA ILE A 281 11.65 -22.85 -33.64
C ILE A 281 11.49 -23.83 -34.80
N SER A 282 11.85 -23.41 -36.02
CA SER A 282 11.59 -24.24 -37.18
C SER A 282 12.53 -25.43 -37.25
N LYS A 283 13.79 -25.24 -36.86
CA LYS A 283 14.77 -26.33 -36.85
C LYS A 283 14.79 -27.10 -35.53
N ASN A 284 14.17 -26.58 -34.48
CA ASN A 284 14.17 -27.19 -33.16
C ASN A 284 15.60 -27.47 -32.69
N GLU A 285 16.40 -26.40 -32.66
CA GLU A 285 17.76 -26.51 -32.16
C GLU A 285 18.17 -25.19 -31.51
N TRP A 286 19.09 -25.29 -30.56
CA TRP A 286 19.65 -24.13 -29.89
C TRP A 286 20.94 -23.72 -30.59
N ILE A 287 21.16 -22.41 -30.67
CA ILE A 287 22.38 -21.83 -31.23
C ILE A 287 22.95 -20.88 -30.21
N GLN A 288 24.16 -21.17 -29.72
CA GLN A 288 24.79 -20.29 -28.75
C GLN A 288 25.23 -18.99 -29.42
N PHE A 289 24.98 -17.88 -28.74
CA PHE A 289 25.14 -16.54 -29.29
C PHE A 289 26.35 -15.89 -28.62
N ASN A 290 27.34 -15.51 -29.42
CA ASN A 290 28.53 -14.85 -28.89
C ASN A 290 28.30 -13.35 -28.79
N HIS A 291 28.79 -12.76 -27.72
CA HIS A 291 28.42 -11.39 -27.36
C HIS A 291 29.52 -10.81 -26.48
N PRO A 292 29.53 -9.49 -26.30
CA PRO A 292 30.59 -8.85 -25.50
C PRO A 292 30.32 -8.75 -24.01
N TYR A 293 29.32 -9.45 -23.48
CA TYR A 293 28.93 -9.36 -22.08
C TYR A 293 29.20 -10.65 -21.32
N THR A 294 30.30 -11.34 -21.64
CA THR A 294 30.58 -12.62 -20.98
C THR A 294 30.95 -12.43 -19.52
N GLU A 295 31.51 -11.29 -19.16
CA GLU A 295 31.84 -10.98 -17.77
C GLU A 295 30.70 -10.27 -17.05
N LYS A 296 29.52 -10.20 -17.66
CA LYS A 296 28.37 -9.50 -17.10
C LYS A 296 27.19 -10.45 -16.95
N PRO A 297 27.32 -11.47 -16.09
CA PRO A 297 26.17 -12.35 -15.84
C PRO A 297 25.05 -11.60 -15.15
N ARG A 298 23.82 -12.04 -15.41
CA ARG A 298 22.64 -11.41 -14.83
C ARG A 298 21.61 -12.47 -14.49
N LEU A 299 20.97 -12.31 -13.35
CA LEU A 299 19.81 -13.10 -12.98
C LEU A 299 18.73 -12.17 -12.45
N TRP A 300 17.48 -12.50 -12.76
CA TRP A 300 16.31 -11.70 -12.42
C TRP A 300 16.33 -10.34 -13.12
N HIS A 301 17.07 -10.25 -14.22
CA HIS A 301 16.99 -9.12 -15.12
C HIS A 301 15.68 -9.18 -15.92
N THR A 302 15.45 -8.15 -16.73
CA THR A 302 14.39 -8.15 -17.72
C THR A 302 15.01 -8.05 -19.10
N ALA A 303 14.27 -8.51 -20.11
CA ALA A 303 14.70 -8.44 -21.50
C ALA A 303 13.51 -8.06 -22.36
N CYS A 304 13.72 -7.08 -23.24
CA CYS A 304 12.70 -6.62 -24.17
C CYS A 304 13.29 -6.52 -25.56
N ALA A 305 12.54 -6.98 -26.55
CA ALA A 305 12.97 -6.92 -27.94
C ALA A 305 12.61 -5.57 -28.56
N SER A 306 13.51 -5.06 -29.39
CA SER A 306 13.28 -3.82 -30.13
C SER A 306 12.79 -4.14 -31.52
N ASP A 307 12.22 -3.13 -32.18
CA ASP A 307 11.77 -3.27 -33.56
C ASP A 307 12.94 -3.44 -34.53
N GLU A 308 14.16 -3.16 -34.10
CA GLU A 308 15.34 -3.25 -34.96
C GLU A 308 16.13 -4.53 -34.71
N GLY A 309 15.50 -5.57 -34.17
CA GLY A 309 16.13 -6.86 -33.99
C GLY A 309 16.99 -7.01 -32.75
N GLU A 310 17.11 -5.97 -31.93
CA GLU A 310 17.94 -6.05 -30.73
C GLU A 310 17.13 -6.54 -29.54
N VAL A 311 17.84 -7.09 -28.56
CA VAL A 311 17.28 -7.46 -27.27
C VAL A 311 17.90 -6.55 -26.22
N ILE A 312 17.07 -5.92 -25.39
CA ILE A 312 17.50 -4.92 -24.43
C ILE A 312 17.34 -5.53 -23.04
N VAL A 313 18.46 -5.80 -22.38
CA VAL A 313 18.48 -6.35 -21.03
C VAL A 313 18.73 -5.22 -20.04
N PHE A 314 17.94 -5.16 -18.98
CA PHE A 314 18.11 -4.15 -17.94
C PHE A 314 18.05 -4.80 -16.56
N GLY A 315 18.85 -4.24 -15.65
CA GLY A 315 18.75 -4.64 -14.26
C GLY A 315 19.26 -6.05 -14.02
N GLY A 316 18.74 -6.65 -12.96
CA GLY A 316 19.20 -7.96 -12.54
C GLY A 316 20.43 -7.87 -11.67
N CYS A 317 20.86 -9.04 -11.21
CA CYS A 317 21.97 -9.17 -10.27
C CYS A 317 23.11 -9.92 -10.92
N ALA A 318 24.34 -9.46 -10.66
CA ALA A 318 25.52 -10.06 -11.26
C ALA A 318 26.03 -11.27 -10.50
N ASN A 319 25.68 -11.41 -9.22
CA ASN A 319 26.08 -12.57 -8.45
C ASN A 319 24.87 -13.20 -7.76
N ASN A 320 25.10 -14.15 -6.86
CA ASN A 320 24.00 -14.79 -6.16
C ASN A 320 23.26 -13.77 -5.30
N LEU A 321 22.09 -13.31 -5.77
CA LEU A 321 21.32 -12.32 -5.04
C LEU A 321 20.77 -12.87 -3.72
N LEU A 322 20.83 -14.17 -3.50
CA LEU A 322 20.33 -14.73 -2.24
C LEU A 322 21.25 -14.39 -1.06
N VAL A 323 22.52 -14.09 -1.32
CA VAL A 323 23.40 -13.51 -0.29
C VAL A 323 23.16 -12.00 -0.36
N HIS A 324 22.11 -11.55 0.32
CA HIS A 324 21.62 -10.19 0.14
C HIS A 324 22.72 -9.17 0.41
N HIS A 325 23.45 -9.32 1.52
CA HIS A 325 24.41 -8.30 1.92
C HIS A 325 25.59 -8.17 0.96
N ARG A 326 25.74 -9.11 0.02
CA ARG A 326 26.79 -9.04 -1.00
C ARG A 326 26.22 -8.90 -2.41
N ALA A 327 24.91 -8.76 -2.56
CA ALA A 327 24.29 -8.79 -3.87
C ALA A 327 24.74 -7.61 -4.72
N ALA A 328 24.98 -7.87 -6.01
CA ALA A 328 25.46 -6.86 -6.95
C ALA A 328 24.36 -6.57 -7.97
N HIS A 329 23.37 -5.80 -7.55
CA HIS A 329 22.30 -5.40 -8.45
C HIS A 329 22.79 -4.34 -9.42
N SER A 330 22.21 -4.34 -10.62
CA SER A 330 22.69 -3.53 -11.73
C SER A 330 21.60 -2.58 -12.22
N ASN A 331 22.03 -1.45 -12.76
CA ASN A 331 21.18 -0.57 -13.54
C ASN A 331 21.68 -0.44 -14.99
N GLU A 332 22.47 -1.41 -15.43
CA GLU A 332 23.08 -1.36 -16.75
C GLU A 332 22.11 -1.84 -17.82
N ILE A 333 22.20 -1.22 -18.98
CA ILE A 333 21.50 -1.68 -20.18
C ILE A 333 22.49 -2.49 -21.00
N LEU A 334 22.13 -3.74 -21.28
CA LEU A 334 22.90 -4.61 -22.16
C LEU A 334 22.14 -4.79 -23.46
N ILE A 335 22.80 -4.51 -24.58
CA ILE A 335 22.16 -4.53 -25.90
C ILE A 335 22.75 -5.70 -26.68
N PHE A 336 21.89 -6.63 -27.07
CA PHE A 336 22.27 -7.78 -27.88
C PHE A 336 21.71 -7.59 -29.29
N SER A 337 22.58 -7.52 -30.28
CA SER A 337 22.17 -7.37 -31.68
C SER A 337 22.01 -8.77 -32.26
N VAL A 338 20.79 -9.29 -32.22
CA VAL A 338 20.52 -10.66 -32.62
C VAL A 338 20.14 -10.72 -34.09
N CYS B 7 -10.91 -10.48 19.33
CA CYS B 7 -10.34 -9.44 20.18
C CYS B 7 -9.20 -8.72 19.44
N PRO B 8 -9.34 -7.42 19.20
CA PRO B 8 -8.32 -6.70 18.43
C PRO B 8 -7.02 -6.54 19.20
N ALA B 9 -5.93 -6.45 18.46
CA ALA B 9 -4.62 -6.25 19.06
C ALA B 9 -4.50 -4.82 19.59
N GLU B 10 -3.61 -4.65 20.57
CA GLU B 10 -3.35 -3.34 21.12
C GLU B 10 -2.84 -2.40 20.03
N ARG B 11 -3.07 -1.11 20.21
CA ARG B 11 -2.69 -0.13 19.19
C ARG B 11 -2.85 1.28 19.73
N SER B 12 -2.13 2.20 19.09
CA SER B 12 -2.29 3.63 19.30
C SER B 12 -2.32 4.30 17.92
N GLY B 13 -2.88 5.51 17.88
CA GLY B 13 -2.96 6.24 16.63
C GLY B 13 -3.93 5.66 15.63
N HIS B 14 -4.80 4.75 16.06
CA HIS B 14 -5.87 4.22 15.22
C HIS B 14 -6.98 5.26 15.11
N VAL B 15 -8.00 4.93 14.33
CA VAL B 15 -9.23 5.72 14.26
C VAL B 15 -10.37 4.87 14.82
N ALA B 16 -11.34 5.56 15.42
CA ALA B 16 -12.55 4.90 15.91
C ALA B 16 -13.72 5.84 15.67
N VAL B 17 -14.71 5.37 14.92
CA VAL B 17 -15.92 6.12 14.65
C VAL B 17 -17.11 5.20 14.89
N SER B 18 -18.26 5.79 15.16
CA SER B 18 -19.43 5.01 15.55
C SER B 18 -20.70 5.73 15.16
N ASP B 19 -21.78 4.97 15.13
CA ASP B 19 -23.13 5.48 14.92
C ASP B 19 -23.92 5.56 16.22
N GLY B 20 -23.28 5.35 17.36
CA GLY B 20 -23.94 5.30 18.65
C GLY B 20 -24.18 3.90 19.17
N ARG B 21 -24.04 2.88 18.32
CA ARG B 21 -24.25 1.49 18.70
C ARG B 21 -23.11 0.59 18.27
N HIS B 22 -22.53 0.81 17.08
CA HIS B 22 -21.42 0.03 16.57
C HIS B 22 -20.24 0.95 16.37
N MET B 23 -19.08 0.54 16.88
CA MET B 23 -17.85 1.32 16.82
C MET B 23 -16.88 0.63 15.87
N PHE B 24 -16.47 1.33 14.81
CA PHE B 24 -15.56 0.80 13.81
C PHE B 24 -14.15 1.28 14.10
N VAL B 25 -13.22 0.34 14.20
CA VAL B 25 -11.82 0.63 14.52
C VAL B 25 -10.95 0.18 13.35
N TRP B 26 -10.04 1.05 12.94
CA TRP B 26 -9.13 0.76 11.83
C TRP B 26 -7.77 1.37 12.10
N GLY B 27 -6.72 0.68 11.67
CA GLY B 27 -5.39 1.26 11.60
C GLY B 27 -4.67 1.30 12.94
N GLY B 28 -3.68 2.18 12.98
CA GLY B 28 -2.85 2.35 14.17
C GLY B 28 -1.58 1.55 14.07
N TYR B 29 -0.78 1.64 15.14
CA TYR B 29 0.47 0.93 15.24
C TYR B 29 0.65 0.41 16.65
N LYS B 30 1.63 -0.46 16.84
CA LYS B 30 1.97 -1.01 18.14
C LYS B 30 3.48 -1.24 18.18
N SER B 31 3.96 -1.71 19.31
CA SER B 31 5.34 -2.15 19.45
C SER B 31 5.38 -3.68 19.40
N ASN B 32 6.43 -4.21 18.77
CA ASN B 32 6.55 -5.65 18.51
C ASN B 32 5.49 -6.09 17.50
N ASP B 39 7.48 -0.02 15.35
CA ASP B 39 6.39 0.78 14.81
C ASP B 39 5.71 0.03 13.66
N PHE B 40 5.38 -1.24 13.90
CA PHE B 40 4.70 -2.03 12.89
C PHE B 40 3.22 -1.66 12.88
N TYR B 41 2.72 -1.26 11.73
CA TYR B 41 1.32 -0.89 11.59
C TYR B 41 0.45 -2.14 11.66
N LEU B 42 -0.77 -1.97 12.17
CA LEU B 42 -1.70 -3.08 12.21
C LEU B 42 -2.31 -3.29 10.84
N PRO B 43 -2.81 -4.50 10.56
CA PRO B 43 -3.20 -4.84 9.19
C PRO B 43 -4.20 -3.86 8.58
N ARG B 44 -3.83 -3.32 7.42
CA ARG B 44 -4.67 -2.34 6.74
C ARG B 44 -6.05 -2.88 6.39
N GLU B 45 -6.16 -4.16 6.08
CA GLU B 45 -7.42 -4.69 5.56
C GLU B 45 -8.43 -5.01 6.65
N GLU B 46 -7.99 -5.08 7.91
CA GLU B 46 -8.90 -5.43 9.00
C GLU B 46 -9.71 -4.22 9.42
N LEU B 47 -11.02 -4.42 9.58
CA LEU B 47 -11.91 -3.45 10.19
C LEU B 47 -12.56 -4.13 11.39
N TRP B 48 -12.27 -3.64 12.59
CA TRP B 48 -12.82 -4.20 13.80
C TRP B 48 -14.08 -3.43 14.20
N ILE B 49 -15.10 -4.17 14.62
CA ILE B 49 -16.40 -3.61 14.93
C ILE B 49 -16.78 -4.03 16.34
N TYR B 50 -16.95 -3.05 17.23
CA TYR B 50 -17.33 -3.27 18.61
C TYR B 50 -18.80 -2.93 18.78
N ASN B 51 -19.56 -3.89 19.30
CA ASN B 51 -20.97 -3.67 19.62
C ASN B 51 -21.04 -3.08 21.03
N MET B 52 -21.45 -1.82 21.13
CA MET B 52 -21.48 -1.14 22.42
C MET B 52 -22.52 -1.73 23.37
N GLU B 53 -23.54 -2.40 22.85
CA GLU B 53 -24.59 -2.95 23.70
C GLU B 53 -24.23 -4.32 24.25
N THR B 54 -23.59 -5.16 23.45
CA THR B 54 -23.23 -6.51 23.86
C THR B 54 -21.75 -6.64 24.24
N GLY B 55 -20.92 -5.66 23.90
CA GLY B 55 -19.51 -5.74 24.23
C GLY B 55 -18.72 -6.72 23.40
N ARG B 56 -19.25 -7.19 22.28
CA ARG B 56 -18.59 -8.18 21.44
C ARG B 56 -17.88 -7.49 20.27
N TRP B 57 -16.72 -8.02 19.92
CA TRP B 57 -15.96 -7.55 18.77
C TRP B 57 -16.24 -8.45 17.56
N LYS B 58 -16.20 -7.84 16.38
CA LYS B 58 -16.27 -8.57 15.13
C LYS B 58 -15.22 -8.00 14.18
N LYS B 59 -14.40 -8.88 13.61
CA LYS B 59 -13.41 -8.50 12.62
C LYS B 59 -13.90 -8.89 11.22
N ILE B 60 -13.84 -7.94 10.29
CA ILE B 60 -14.14 -8.19 8.89
C ILE B 60 -12.94 -7.73 8.06
N ASN B 61 -12.61 -8.52 7.05
CA ASN B 61 -11.58 -8.15 6.09
C ASN B 61 -12.23 -7.38 4.95
N THR B 62 -11.70 -6.19 4.66
CA THR B 62 -12.25 -5.32 3.64
C THR B 62 -11.48 -5.49 2.34
N GLU B 63 -12.08 -4.98 1.26
CA GLU B 63 -11.50 -5.04 -0.07
C GLU B 63 -11.58 -3.67 -0.74
N GLY B 64 -11.36 -3.62 -2.05
CA GLY B 64 -11.42 -2.35 -2.75
C GLY B 64 -10.10 -1.61 -2.67
N ASP B 65 -10.19 -0.27 -2.67
CA ASP B 65 -9.02 0.60 -2.56
C ASP B 65 -8.65 0.73 -1.09
N VAL B 66 -8.17 -0.38 -0.53
CA VAL B 66 -7.85 -0.38 0.91
C VAL B 66 -6.77 0.66 1.17
N PRO B 67 -6.95 1.56 2.14
CA PRO B 67 -5.91 2.56 2.41
C PRO B 67 -4.62 1.91 2.88
N PRO B 68 -3.51 2.62 2.82
CA PRO B 68 -2.28 2.10 3.44
C PRO B 68 -2.44 2.04 4.95
N SER B 69 -1.71 1.12 5.56
CA SER B 69 -1.68 1.05 7.03
C SER B 69 -1.11 2.35 7.57
N MET B 70 -1.83 2.98 8.49
CA MET B 70 -1.47 4.33 8.91
C MET B 70 -1.76 4.55 10.39
N SER B 71 -1.00 5.46 10.97
CA SER B 71 -1.29 6.04 12.27
C SER B 71 -1.67 7.50 12.06
N GLY B 72 -2.51 8.02 12.97
CA GLY B 72 -2.84 9.42 12.97
C GLY B 72 -3.80 9.85 11.89
N SER B 73 -4.51 8.93 11.26
CA SER B 73 -5.51 9.31 10.26
C SER B 73 -6.71 9.95 10.93
N CYS B 74 -7.51 10.63 10.13
CA CYS B 74 -8.71 11.32 10.57
C CYS B 74 -9.93 10.67 9.93
N ALA B 75 -10.91 10.28 10.75
CA ALA B 75 -12.06 9.52 10.25
C ALA B 75 -13.35 10.05 10.87
N VAL B 76 -14.44 9.86 10.14
CA VAL B 76 -15.79 10.21 10.58
C VAL B 76 -16.75 9.14 10.11
N CYS B 77 -17.91 9.09 10.76
CA CYS B 77 -19.00 8.20 10.36
C CYS B 77 -20.25 9.05 10.20
N VAL B 78 -20.79 9.08 8.98
CA VAL B 78 -22.02 9.81 8.68
C VAL B 78 -22.95 8.85 7.94
N ASP B 79 -24.16 8.66 8.48
CA ASP B 79 -25.13 7.74 7.89
C ASP B 79 -24.49 6.39 7.59
N ARG B 80 -23.64 5.93 8.50
CA ARG B 80 -22.93 4.66 8.39
C ARG B 80 -22.00 4.61 7.17
N VAL B 81 -21.70 5.76 6.58
CA VAL B 81 -20.65 5.86 5.58
C VAL B 81 -19.39 6.37 6.27
N LEU B 82 -18.32 5.59 6.18
CA LEU B 82 -17.06 5.91 6.84
C LEU B 82 -16.16 6.68 5.88
N TYR B 83 -15.65 7.82 6.35
CA TYR B 83 -14.72 8.64 5.59
C TYR B 83 -13.38 8.71 6.33
N LEU B 84 -12.29 8.71 5.56
CA LEU B 84 -10.94 8.65 6.12
C LEU B 84 -10.05 9.62 5.35
N PHE B 85 -9.34 10.48 6.08
CA PHE B 85 -8.41 11.43 5.47
C PHE B 85 -7.08 11.43 6.20
N GLY B 86 -6.00 11.57 5.44
CA GLY B 86 -4.69 11.78 6.01
C GLY B 86 -4.15 10.57 6.74
N GLY B 87 -3.09 10.83 7.50
CA GLY B 87 -2.41 9.80 8.27
C GLY B 87 -0.94 9.69 7.89
N HIS B 88 -0.27 8.76 8.55
CA HIS B 88 1.16 8.51 8.35
C HIS B 88 1.35 7.03 8.07
N HIS B 89 1.80 6.71 6.86
CA HIS B 89 2.10 5.34 6.47
C HIS B 89 3.62 5.14 6.47
N SER B 90 4.07 3.96 6.03
CA SER B 90 5.48 3.61 6.13
C SER B 90 6.38 4.57 5.37
N ARG B 91 5.84 5.33 4.42
CA ARG B 91 6.65 6.25 3.61
C ARG B 91 6.28 7.71 3.85
N GLY B 92 5.58 8.02 4.94
CA GLY B 92 5.31 9.40 5.30
C GLY B 92 3.85 9.76 5.36
N ASN B 93 3.56 11.06 5.30
CA ASN B 93 2.19 11.55 5.42
C ASN B 93 1.48 11.53 4.08
N THR B 94 0.16 11.66 4.13
CA THR B 94 -0.68 11.61 2.95
C THR B 94 -1.81 12.62 3.10
N ASN B 95 -2.40 12.99 1.96
CA ASN B 95 -3.61 13.81 1.93
C ASN B 95 -4.69 13.12 1.10
N LYS B 96 -4.64 11.79 1.03
CA LYS B 96 -5.64 11.04 0.28
C LYS B 96 -6.91 10.88 1.12
N PHE B 97 -8.02 10.67 0.42
CA PHE B 97 -9.34 10.59 1.02
C PHE B 97 -10.00 9.29 0.59
N TYR B 98 -10.48 8.52 1.57
CA TYR B 98 -11.13 7.24 1.31
C TYR B 98 -12.53 7.23 1.89
N MET B 99 -13.35 6.33 1.37
CA MET B 99 -14.73 6.15 1.83
C MET B 99 -15.03 4.67 1.88
N LEU B 100 -15.76 4.25 2.93
CA LEU B 100 -16.18 2.86 3.10
C LEU B 100 -17.65 2.84 3.49
N ASP B 101 -18.50 2.42 2.57
CA ASP B 101 -19.93 2.29 2.85
C ASP B 101 -20.14 1.04 3.69
N SER B 102 -20.57 1.20 4.93
CA SER B 102 -20.75 0.10 5.86
C SER B 102 -22.22 -0.30 6.02
N ARG B 103 -23.08 0.12 5.09
CA ARG B 103 -24.50 -0.18 5.18
C ARG B 103 -24.83 -1.53 4.56
N VAL B 108 -19.85 -7.58 1.77
CA VAL B 108 -18.39 -7.51 1.79
C VAL B 108 -17.95 -6.07 1.51
N LEU B 109 -17.39 -5.43 2.53
CA LEU B 109 -17.16 -3.99 2.48
C LEU B 109 -15.98 -3.66 1.57
N GLN B 110 -16.12 -2.58 0.80
CA GLN B 110 -15.12 -2.15 -0.17
C GLN B 110 -14.75 -0.70 0.10
N TRP B 111 -13.46 -0.45 0.29
CA TRP B 111 -12.96 0.91 0.34
C TRP B 111 -12.98 1.53 -1.04
N GLU B 112 -13.23 2.83 -1.09
CA GLU B 112 -13.13 3.60 -2.33
C GLU B 112 -12.24 4.81 -2.07
N ARG B 113 -11.12 4.89 -2.79
CA ARG B 113 -10.31 6.09 -2.79
C ARG B 113 -10.97 7.10 -3.72
N ILE B 114 -11.28 8.29 -3.20
CA ILE B 114 -12.03 9.30 -3.93
C ILE B 114 -11.05 10.31 -4.50
N ASP B 115 -11.05 10.45 -5.82
CA ASP B 115 -10.28 11.49 -6.50
C ASP B 115 -11.02 12.81 -6.34
N CYS B 116 -10.71 13.54 -5.27
CA CYS B 116 -11.43 14.76 -4.96
C CYS B 116 -11.02 15.89 -5.91
N GLN B 117 -11.95 16.83 -6.10
CA GLN B 117 -11.67 18.04 -6.85
C GLN B 117 -11.21 19.14 -5.90
N GLY B 118 -10.65 20.20 -6.49
CA GLY B 118 -10.16 21.31 -5.71
C GLY B 118 -8.76 21.08 -5.19
N ILE B 119 -8.29 22.04 -4.40
CA ILE B 119 -6.95 21.99 -3.82
C ILE B 119 -7.04 21.25 -2.49
N PRO B 120 -6.49 20.06 -2.37
CA PRO B 120 -6.60 19.31 -1.11
C PRO B 120 -5.74 19.92 -0.03
N PRO B 121 -5.90 19.48 1.21
CA PRO B 121 -5.00 19.94 2.27
C PRO B 121 -3.61 19.34 2.08
N SER B 122 -2.65 19.92 2.79
CA SER B 122 -1.31 19.34 2.79
C SER B 122 -1.35 17.94 3.39
N SER B 123 -0.34 17.14 3.05
CA SER B 123 -0.23 15.80 3.61
C SER B 123 0.11 15.89 5.09
N LYS B 124 -0.73 15.29 5.94
CA LYS B 124 -0.61 15.51 7.37
C LYS B 124 -1.32 14.40 8.13
N ASP B 125 -1.11 14.39 9.45
CA ASP B 125 -1.74 13.46 10.36
C ASP B 125 -2.03 14.21 11.67
N LYS B 126 -2.61 13.50 12.63
CA LYS B 126 -2.85 14.02 13.97
C LYS B 126 -3.61 15.35 13.90
N LEU B 127 -4.74 15.33 13.20
CA LEU B 127 -5.57 16.51 13.07
C LEU B 127 -6.95 16.26 13.67
N GLY B 128 -7.94 17.06 13.27
CA GLY B 128 -9.29 16.87 13.75
C GLY B 128 -10.26 17.25 12.66
N VAL B 129 -11.50 16.84 12.83
CA VAL B 129 -12.54 17.05 11.84
C VAL B 129 -13.86 17.33 12.52
N TRP B 130 -14.62 18.26 11.95
CA TRP B 130 -16.01 18.51 12.34
C TRP B 130 -16.93 18.09 11.21
N VAL B 131 -18.11 17.61 11.57
CA VAL B 131 -19.14 17.21 10.60
C VAL B 131 -20.31 18.17 10.76
N TYR B 132 -20.69 18.82 9.68
CA TYR B 132 -21.81 19.77 9.70
C TYR B 132 -22.50 19.70 8.34
N LYS B 133 -23.71 19.13 8.33
CA LYS B 133 -24.54 19.05 7.12
C LYS B 133 -23.76 18.25 6.07
N ASN B 134 -23.52 18.79 4.88
CA ASN B 134 -22.82 18.08 3.82
C ASN B 134 -21.30 18.21 3.91
N LYS B 135 -20.79 18.91 4.91
CA LYS B 135 -19.39 19.31 4.94
C LYS B 135 -18.61 18.50 5.97
N LEU B 136 -17.43 18.05 5.58
CA LEU B 136 -16.40 17.59 6.50
C LEU B 136 -15.37 18.70 6.62
N ILE B 137 -15.16 19.21 7.83
CA ILE B 137 -14.32 20.37 8.07
C ILE B 137 -13.12 19.91 8.88
N PHE B 138 -11.93 19.95 8.28
CA PHE B 138 -10.71 19.51 8.90
C PHE B 138 -9.90 20.69 9.41
N PHE B 139 -9.25 20.52 10.56
CA PHE B 139 -8.45 21.59 11.16
C PHE B 139 -7.11 21.06 11.64
N GLY B 140 -6.04 21.79 11.32
CA GLY B 140 -4.74 21.55 11.91
C GLY B 140 -4.04 20.31 11.39
N GLY B 141 -3.07 19.87 12.16
CA GLY B 141 -2.35 18.65 11.88
C GLY B 141 -0.86 18.88 11.78
N TYR B 142 -0.15 17.83 11.37
CA TYR B 142 1.31 17.82 11.32
C TYR B 142 1.73 17.11 10.05
N GLY B 143 2.60 17.74 9.27
CA GLY B 143 3.07 17.13 8.04
C GLY B 143 3.99 18.05 7.28
N TYR B 144 4.07 17.81 5.97
CA TYR B 144 5.02 18.50 5.11
C TYR B 144 4.56 19.93 4.81
N LEU B 145 5.53 20.73 4.37
CA LEU B 145 5.22 22.09 3.94
C LEU B 145 4.11 22.04 2.89
N PRO B 146 3.12 22.93 2.96
CA PRO B 146 2.07 22.93 1.93
C PRO B 146 2.66 23.09 0.53
N GLU B 147 2.28 22.17 -0.35
CA GLU B 147 2.76 22.18 -1.74
C GLU B 147 1.84 22.96 -2.67
N ASP B 148 0.78 23.55 -2.16
CA ASP B 148 -0.15 24.32 -2.97
C ASP B 148 -0.61 25.54 -2.18
N LYS B 149 -1.20 26.51 -2.89
CA LYS B 149 -1.70 27.71 -2.23
C LYS B 149 -2.73 27.34 -1.17
N VAL B 150 -2.61 27.95 0.00
CA VAL B 150 -3.44 27.59 1.13
C VAL B 150 -3.59 28.79 2.06
N LEU B 151 -4.79 28.97 2.60
CA LEU B 151 -5.05 29.98 3.60
C LEU B 151 -4.75 29.42 4.98
N GLY B 152 -4.12 30.23 5.82
CA GLY B 152 -3.65 29.83 7.13
C GLY B 152 -2.14 29.94 7.23
N THR B 153 -1.60 29.38 8.31
CA THR B 153 -0.18 29.47 8.59
C THR B 153 0.38 28.10 8.91
N PHE B 154 1.70 27.97 8.73
CA PHE B 154 2.42 26.72 8.92
C PHE B 154 3.71 27.03 9.67
N GLU B 155 4.03 26.21 10.67
CA GLU B 155 5.19 26.44 11.53
C GLU B 155 6.03 25.17 11.55
N PHE B 156 7.29 25.29 11.12
CA PHE B 156 8.18 24.14 11.07
C PHE B 156 8.48 23.63 12.46
N ASP B 157 8.71 22.32 12.56
CA ASP B 157 9.13 21.66 13.79
C ASP B 157 10.63 21.39 13.67
N GLU B 158 11.42 22.17 14.42
CA GLU B 158 12.87 22.10 14.28
C GLU B 158 13.44 20.72 14.55
N THR B 159 12.74 19.89 15.32
CA THR B 159 13.22 18.54 15.60
C THR B 159 13.09 17.60 14.41
N SER B 160 12.47 18.05 13.32
CA SER B 160 12.35 17.25 12.11
C SER B 160 13.39 17.61 11.06
N PHE B 161 14.24 18.60 11.32
CA PHE B 161 15.15 19.11 10.29
C PHE B 161 16.26 18.13 9.96
N TRP B 162 16.71 17.32 10.93
CA TRP B 162 17.90 16.52 10.77
C TRP B 162 17.65 15.02 10.81
N ASN B 163 16.43 14.56 11.12
CA ASN B 163 16.14 13.14 11.20
C ASN B 163 15.39 12.62 9.97
N SER B 164 15.16 13.46 8.97
CA SER B 164 14.42 13.05 7.78
C SER B 164 14.84 13.91 6.60
N SER B 165 14.42 13.48 5.40
CA SER B 165 14.75 14.22 4.19
C SER B 165 13.81 15.41 3.96
N HIS B 166 12.62 15.38 4.54
CA HIS B 166 11.63 16.45 4.36
C HIS B 166 11.23 16.95 5.74
N PRO B 167 11.48 18.22 6.07
CA PRO B 167 11.02 18.73 7.37
C PRO B 167 9.51 18.83 7.43
N ARG B 168 8.99 18.81 8.65
CA ARG B 168 7.56 18.84 8.88
C ARG B 168 7.24 19.90 9.92
N GLY B 169 5.96 20.23 10.01
CA GLY B 169 5.52 21.27 10.93
C GLY B 169 4.04 21.21 11.15
N TRP B 170 3.57 22.12 11.99
CA TRP B 170 2.16 22.23 12.33
C TRP B 170 1.48 23.28 11.46
N ASN B 171 0.16 23.13 11.32
CA ASN B 171 -0.64 24.08 10.56
C ASN B 171 -1.91 24.40 11.34
N ASP B 172 -2.50 25.54 11.02
CA ASP B 172 -3.80 25.94 11.54
C ASP B 172 -4.85 26.00 10.44
N HIS B 173 -4.64 25.25 9.36
CA HIS B 173 -5.52 25.34 8.21
C HIS B 173 -6.90 24.78 8.51
N VAL B 174 -7.90 25.38 7.88
CA VAL B 174 -9.27 24.87 7.87
C VAL B 174 -9.61 24.51 6.44
N HIS B 175 -10.00 23.27 6.21
CA HIS B 175 -10.36 22.78 4.88
C HIS B 175 -11.73 22.12 4.94
N ILE B 176 -12.55 22.39 3.92
CA ILE B 176 -13.87 21.79 3.79
C ILE B 176 -13.82 20.78 2.66
N LEU B 177 -14.39 19.60 2.90
CA LEU B 177 -14.70 18.65 1.83
C LEU B 177 -16.21 18.59 1.72
N ASP B 178 -16.74 19.10 0.61
CA ASP B 178 -18.17 19.06 0.32
C ASP B 178 -18.51 17.67 -0.22
N THR B 179 -19.27 16.89 0.56
CA THR B 179 -19.65 15.56 0.14
C THR B 179 -20.71 15.54 -0.95
N GLU B 180 -21.32 16.69 -1.26
CA GLU B 180 -22.23 16.75 -2.40
C GLU B 180 -21.48 16.61 -3.71
N THR B 181 -20.23 17.09 -3.77
CA THR B 181 -19.41 17.04 -4.97
C THR B 181 -18.02 16.48 -4.72
N PHE B 182 -17.67 16.17 -3.48
CA PHE B 182 -16.32 15.76 -3.10
C PHE B 182 -15.30 16.75 -3.67
N THR B 183 -15.50 18.01 -3.30
CA THR B 183 -14.65 19.11 -3.72
C THR B 183 -14.04 19.78 -2.49
N TRP B 184 -12.73 19.98 -2.53
CA TRP B 184 -12.03 20.67 -1.45
C TRP B 184 -12.19 22.18 -1.59
N SER B 185 -12.22 22.86 -0.46
CA SER B 185 -12.22 24.32 -0.43
C SER B 185 -11.77 24.77 0.96
N GLN B 186 -11.57 26.07 1.10
CA GLN B 186 -11.26 26.68 2.38
C GLN B 186 -12.20 27.84 2.64
N PRO B 187 -12.73 27.98 3.85
CA PRO B 187 -13.54 29.15 4.17
C PRO B 187 -12.67 30.34 4.56
N ILE B 188 -13.16 31.52 4.25
CA ILE B 188 -12.56 32.76 4.74
C ILE B 188 -13.12 32.99 6.14
N THR B 189 -12.25 32.87 7.15
CA THR B 189 -12.68 32.97 8.54
C THR B 189 -12.43 34.35 9.10
N THR B 190 -13.24 34.73 10.07
CA THR B 190 -13.01 35.89 10.92
C THR B 190 -12.62 35.43 12.31
N GLY B 191 -12.15 36.36 13.11
CA GLY B 191 -11.63 36.04 14.43
C GLY B 191 -10.23 35.46 14.35
N LYS B 192 -9.63 35.28 15.53
CA LYS B 192 -8.27 34.76 15.64
C LYS B 192 -8.34 33.24 15.68
N ALA B 193 -7.82 32.59 14.65
CA ALA B 193 -7.72 31.14 14.66
C ALA B 193 -6.82 30.70 15.80
N PRO B 194 -6.93 29.46 16.25
CA PRO B 194 -5.94 28.93 17.19
C PRO B 194 -4.60 28.78 16.48
N SER B 195 -3.54 28.81 17.28
CA SER B 195 -2.21 28.61 16.72
C SER B 195 -2.17 27.28 15.96
N PRO B 196 -1.23 27.13 15.03
CA PRO B 196 -1.02 25.80 14.44
C PRO B 196 -0.81 24.76 15.53
N ARG B 197 -1.25 23.54 15.27
CA ARG B 197 -1.18 22.51 16.29
C ARG B 197 -1.53 21.15 15.69
N ALA B 198 -1.10 20.10 16.38
CA ALA B 198 -1.47 18.73 16.04
C ALA B 198 -1.73 17.99 17.33
N ALA B 199 -2.35 16.81 17.22
CA ALA B 199 -2.74 16.00 18.36
C ALA B 199 -3.72 16.75 19.27
N HIS B 200 -4.38 17.77 18.72
CA HIS B 200 -5.50 18.41 19.38
C HIS B 200 -6.72 17.50 19.30
N ALA B 201 -7.83 17.93 19.91
CA ALA B 201 -9.07 17.17 19.91
C ALA B 201 -10.20 18.08 19.45
N CYS B 202 -11.00 17.58 18.52
CA CYS B 202 -12.13 18.32 17.97
C CYS B 202 -13.43 17.63 18.33
N ALA B 203 -14.47 18.42 18.52
CA ALA B 203 -15.81 17.92 18.81
C ALA B 203 -16.82 18.90 18.25
N THR B 204 -17.91 18.36 17.70
CA THR B 204 -18.95 19.17 17.08
C THR B 204 -20.24 19.08 17.89
N VAL B 205 -20.84 20.24 18.16
CA VAL B 205 -22.19 20.32 18.73
C VAL B 205 -22.93 21.41 17.96
N GLY B 206 -24.03 21.03 17.31
CA GLY B 206 -24.73 21.99 16.48
C GLY B 206 -23.81 22.52 15.41
N ASN B 207 -23.81 23.85 15.25
CA ASN B 207 -22.96 24.52 14.28
C ASN B 207 -21.67 25.05 14.90
N ARG B 208 -21.20 24.43 15.98
CA ARG B 208 -19.99 24.86 16.67
C ARG B 208 -18.97 23.72 16.64
N GLY B 209 -17.82 23.98 16.02
CA GLY B 209 -16.74 23.03 16.01
C GLY B 209 -15.70 23.37 17.06
N PHE B 210 -15.73 22.68 18.19
CA PHE B 210 -14.80 22.94 19.27
C PHE B 210 -13.45 22.29 18.99
N VAL B 211 -12.39 22.92 19.51
CA VAL B 211 -11.05 22.36 19.50
C VAL B 211 -10.39 22.70 20.83
N PHE B 212 -9.75 21.71 21.45
CA PHE B 212 -9.11 21.87 22.74
C PHE B 212 -7.70 21.30 22.69
N GLY B 213 -6.76 22.06 23.25
CA GLY B 213 -5.40 21.59 23.44
C GLY B 213 -4.65 21.32 22.15
N GLY B 214 -3.68 20.43 22.24
CA GLY B 214 -2.81 20.09 21.14
C GLY B 214 -1.36 20.44 21.41
N ARG B 215 -0.51 19.98 20.50
CA ARG B 215 0.92 20.20 20.58
C ARG B 215 1.32 21.31 19.60
N TYR B 216 2.18 22.19 20.07
CA TYR B 216 2.68 23.29 19.23
C TYR B 216 4.01 23.75 19.81
N ARG B 217 5.08 23.61 19.03
CA ARG B 217 6.44 23.96 19.45
C ARG B 217 6.75 23.16 20.71
N ASP B 218 7.05 23.79 21.83
CA ASP B 218 7.44 23.10 23.06
C ASP B 218 6.33 23.12 24.10
N ALA B 219 5.08 23.23 23.66
CA ALA B 219 3.93 23.34 24.55
C ALA B 219 2.87 22.34 24.14
N ARG B 220 2.26 21.71 25.14
CA ARG B 220 1.00 20.98 24.99
C ARG B 220 -0.05 21.80 25.73
N MET B 221 -1.01 22.32 24.98
CA MET B 221 -1.74 23.53 25.34
C MET B 221 -3.07 23.23 26.02
N ASN B 222 -3.58 24.26 26.69
CA ASN B 222 -4.80 24.15 27.49
C ASN B 222 -5.92 25.05 26.98
N ASP B 223 -5.79 25.61 25.78
CA ASP B 223 -6.76 26.58 25.30
C ASP B 223 -7.94 25.89 24.60
N LEU B 224 -9.07 26.59 24.59
CA LEU B 224 -10.32 26.07 24.06
C LEU B 224 -10.92 27.10 23.11
N HIS B 225 -11.24 26.65 21.90
CA HIS B 225 -11.85 27.50 20.87
C HIS B 225 -13.03 26.77 20.25
N TYR B 226 -13.82 27.52 19.47
CA TYR B 226 -14.78 26.89 18.58
C TYR B 226 -14.89 27.73 17.32
N LEU B 227 -15.08 27.05 16.20
CA LEU B 227 -15.33 27.69 14.91
C LEU B 227 -16.82 27.61 14.61
N ASN B 228 -17.45 28.76 14.38
CA ASN B 228 -18.85 28.76 13.99
C ASN B 228 -18.95 28.27 12.55
N LEU B 229 -19.59 27.12 12.35
CA LEU B 229 -19.60 26.46 11.06
C LEU B 229 -20.67 27.02 10.12
N ASP B 230 -21.44 28.02 10.55
CA ASP B 230 -22.33 28.77 9.67
C ASP B 230 -21.70 30.09 9.22
N THR B 231 -21.15 30.86 10.17
CA THR B 231 -20.59 32.16 9.88
C THR B 231 -19.07 32.15 9.74
N TRP B 232 -18.41 31.05 10.12
CA TRP B 232 -16.98 30.90 9.93
C TRP B 232 -16.19 31.91 10.75
N GLU B 233 -16.64 32.15 11.97
CA GLU B 233 -15.98 33.05 12.90
C GLU B 233 -15.37 32.24 14.04
N TRP B 234 -14.09 32.47 14.31
CA TRP B 234 -13.42 31.83 15.44
C TRP B 234 -13.75 32.54 16.73
N ASN B 235 -13.92 31.77 17.80
CA ASN B 235 -14.12 32.31 19.14
C ASN B 235 -13.25 31.55 20.11
N GLU B 236 -12.54 32.27 20.96
CA GLU B 236 -11.83 31.65 22.08
C GLU B 236 -12.72 31.66 23.31
N LEU B 237 -12.76 30.54 24.00
CA LEU B 237 -13.51 30.41 25.24
C LEU B 237 -12.54 30.46 26.41
N ILE B 238 -12.84 31.33 27.37
CA ILE B 238 -12.04 31.46 28.58
C ILE B 238 -12.89 30.97 29.76
N PRO B 239 -12.96 29.66 30.00
CA PRO B 239 -13.78 29.17 31.12
C PRO B 239 -13.32 29.78 32.44
N GLN B 240 -14.29 30.05 33.30
CA GLN B 240 -14.02 30.62 34.62
C GLN B 240 -13.70 29.51 35.61
N GLY B 241 -12.68 29.74 36.43
CA GLY B 241 -12.29 28.79 37.45
C GLY B 241 -11.22 27.81 36.98
N ILE B 242 -11.26 26.60 37.54
CA ILE B 242 -10.21 25.63 37.31
C ILE B 242 -10.46 24.92 35.98
N CYS B 243 -9.41 24.81 35.17
CA CYS B 243 -9.46 24.19 33.86
C CYS B 243 -8.49 23.01 33.82
N PRO B 244 -8.67 22.08 32.88
CA PRO B 244 -7.77 20.93 32.80
C PRO B 244 -6.38 21.35 32.34
N VAL B 245 -5.38 20.55 32.73
CA VAL B 245 -4.01 20.85 32.34
C VAL B 245 -3.87 20.74 30.82
N GLY B 246 -2.99 21.56 30.27
CA GLY B 246 -2.71 21.47 28.85
C GLY B 246 -2.22 20.09 28.46
N ARG B 247 -2.58 19.66 27.26
CA ARG B 247 -2.34 18.27 26.87
C ARG B 247 -2.46 18.12 25.37
N SER B 248 -1.93 17.00 24.89
CA SER B 248 -2.14 16.52 23.53
C SER B 248 -2.52 15.04 23.60
N TRP B 249 -2.92 14.49 22.45
CA TRP B 249 -3.24 13.06 22.34
C TRP B 249 -4.38 12.67 23.28
N HIS B 250 -5.20 13.65 23.63
CA HIS B 250 -6.41 13.47 24.41
C HIS B 250 -7.60 13.26 23.49
N SER B 251 -8.75 12.92 24.09
CA SER B 251 -10.00 12.78 23.36
C SER B 251 -11.02 13.77 23.90
N LEU B 252 -11.85 14.28 22.99
CA LEU B 252 -12.91 15.24 23.32
C LEU B 252 -14.16 14.80 22.59
N THR B 253 -15.17 14.34 23.32
CA THR B 253 -16.34 13.70 22.75
C THR B 253 -17.61 14.41 23.20
N PRO B 254 -18.51 14.78 22.28
CA PRO B 254 -19.81 15.31 22.71
C PRO B 254 -20.68 14.20 23.29
N VAL B 255 -21.22 14.44 24.47
CA VAL B 255 -22.12 13.51 25.14
C VAL B 255 -23.54 14.05 25.25
N SER B 256 -23.78 15.26 24.75
CA SER B 256 -25.11 15.86 24.74
C SER B 256 -24.99 17.16 23.95
N SER B 257 -26.11 17.85 23.79
CA SER B 257 -26.09 19.15 23.13
C SER B 257 -25.45 20.23 24.00
N ASP B 258 -24.98 19.89 25.21
CA ASP B 258 -24.44 20.89 26.12
C ASP B 258 -23.18 20.41 26.85
N HIS B 259 -22.63 19.24 26.53
CA HIS B 259 -21.51 18.70 27.30
C HIS B 259 -20.51 18.02 26.38
N LEU B 260 -19.24 18.34 26.57
CA LEU B 260 -18.12 17.65 25.94
C LEU B 260 -17.35 16.89 27.01
N PHE B 261 -16.93 15.68 26.67
CA PHE B 261 -16.21 14.80 27.60
C PHE B 261 -14.75 14.73 27.20
N LEU B 262 -13.86 15.08 28.13
CA LEU B 262 -12.42 15.06 27.93
C LEU B 262 -11.81 13.93 28.75
N PHE B 263 -10.89 13.18 28.13
CA PHE B 263 -10.19 12.13 28.85
C PHE B 263 -8.77 11.96 28.35
N GLY B 264 -7.86 11.70 29.29
CA GLY B 264 -6.52 11.28 28.97
C GLY B 264 -5.67 12.36 28.31
N GLY B 265 -4.58 11.90 27.69
CA GLY B 265 -3.68 12.79 27.00
C GLY B 265 -2.28 12.79 27.59
N PHE B 266 -1.53 13.86 27.30
CA PHE B 266 -0.09 13.88 27.52
C PHE B 266 0.32 15.32 27.78
N THR B 267 0.93 15.57 28.94
CA THR B 267 1.25 16.94 29.34
C THR B 267 2.55 17.41 28.70
N THR B 268 2.77 18.72 28.77
CA THR B 268 4.04 19.30 28.31
C THR B 268 5.23 18.60 28.97
N ASP B 269 5.10 18.29 30.26
CA ASP B 269 6.14 17.61 31.01
C ASP B 269 6.16 16.10 30.79
N LYS B 270 5.48 15.62 29.74
CA LYS B 270 5.51 14.20 29.37
C LYS B 270 4.86 13.32 30.42
N GLN B 271 3.75 13.79 30.99
CA GLN B 271 3.01 13.03 31.99
C GLN B 271 1.80 12.38 31.34
N PRO B 272 1.68 11.06 31.31
CA PRO B 272 0.43 10.45 30.84
C PRO B 272 -0.72 10.77 31.80
N LEU B 273 -1.89 11.04 31.23
CA LEU B 273 -3.03 11.54 31.98
C LEU B 273 -4.15 10.51 32.04
N SER B 274 -4.78 10.42 33.21
CA SER B 274 -5.97 9.59 33.41
C SER B 274 -7.14 10.41 33.94
N ASP B 275 -7.03 11.74 33.95
CA ASP B 275 -8.11 12.58 34.43
C ASP B 275 -9.17 12.76 33.35
N ALA B 276 -10.41 12.90 33.80
CA ALA B 276 -11.55 13.09 32.92
C ALA B 276 -12.33 14.32 33.36
N TRP B 277 -12.81 15.08 32.38
CA TRP B 277 -13.59 16.28 32.64
C TRP B 277 -14.78 16.32 31.68
N THR B 278 -15.79 17.10 32.06
CA THR B 278 -16.87 17.48 31.17
C THR B 278 -16.88 18.99 31.05
N TYR B 279 -16.91 19.49 29.83
CA TYR B 279 -17.05 20.92 29.58
C TYR B 279 -18.53 21.21 29.34
N CYS B 280 -19.11 22.04 30.19
CA CYS B 280 -20.50 22.46 30.04
C CYS B 280 -20.54 23.71 29.16
N ILE B 281 -21.17 23.60 28.00
CA ILE B 281 -21.13 24.69 27.02
C ILE B 281 -21.98 25.86 27.51
N SER B 282 -23.17 25.58 28.05
CA SER B 282 -24.06 26.66 28.47
C SER B 282 -23.47 27.44 29.64
N LYS B 283 -22.79 26.75 30.56
CA LYS B 283 -22.19 27.40 31.71
C LYS B 283 -20.76 27.87 31.46
N ASN B 284 -20.10 27.35 30.42
CA ASN B 284 -18.71 27.69 30.12
C ASN B 284 -17.81 27.40 31.32
N GLU B 285 -17.92 26.18 31.86
CA GLU B 285 -17.08 25.76 32.97
C GLU B 285 -16.76 24.28 32.82
N TRP B 286 -15.59 23.90 33.32
CA TRP B 286 -15.17 22.51 33.38
C TRP B 286 -15.58 21.89 34.71
N ILE B 287 -15.95 20.61 34.66
CA ILE B 287 -16.27 19.84 35.85
C ILE B 287 -15.46 18.55 35.78
N GLN B 288 -14.59 18.34 36.76
CA GLN B 288 -13.79 17.12 36.76
C GLN B 288 -14.67 15.91 37.05
N PHE B 289 -14.38 14.81 36.37
CA PHE B 289 -15.23 13.63 36.38
C PHE B 289 -14.57 12.51 37.17
N ASN B 290 -15.31 11.98 38.15
CA ASN B 290 -14.82 10.85 38.93
C ASN B 290 -15.12 9.55 38.19
N HIS B 291 -14.12 8.66 38.15
CA HIS B 291 -14.24 7.45 37.35
C HIS B 291 -13.28 6.41 37.92
N PRO B 292 -13.47 5.13 37.59
CA PRO B 292 -12.65 4.06 38.19
C PRO B 292 -11.36 3.75 37.46
N TYR B 293 -10.96 4.54 36.46
CA TYR B 293 -9.79 4.25 35.65
C TYR B 293 -8.63 5.20 35.94
N THR B 294 -8.51 5.67 37.18
CA THR B 294 -7.42 6.59 37.50
C THR B 294 -6.05 5.93 37.36
N GLU B 295 -5.97 4.61 37.44
CA GLU B 295 -4.73 3.88 37.22
C GLU B 295 -4.54 3.47 35.76
N LYS B 296 -5.36 3.99 34.86
CA LYS B 296 -5.32 3.60 33.45
C LYS B 296 -5.24 4.86 32.58
N PRO B 297 -4.14 5.60 32.67
CA PRO B 297 -3.96 6.74 31.77
C PRO B 297 -3.84 6.26 30.33
N ARG B 298 -4.22 7.13 29.41
CA ARG B 298 -4.22 6.79 27.99
C ARG B 298 -3.87 8.02 27.17
N LEU B 299 -3.03 7.83 26.16
CA LEU B 299 -2.77 8.86 25.17
C LEU B 299 -2.80 8.24 23.79
N TRP B 300 -3.31 9.00 22.82
CA TRP B 300 -3.53 8.55 21.45
C TRP B 300 -4.53 7.40 21.37
N HIS B 301 -5.39 7.31 22.38
CA HIS B 301 -6.57 6.47 22.32
C HIS B 301 -7.62 7.10 21.41
N THR B 302 -8.75 6.41 21.27
CA THR B 302 -9.94 6.96 20.64
C THR B 302 -11.08 6.93 21.66
N ALA B 303 -12.10 7.76 21.39
CA ALA B 303 -13.28 7.81 22.23
C ALA B 303 -14.51 8.00 21.35
N CYS B 304 -15.58 7.27 21.67
CA CYS B 304 -16.82 7.33 20.92
C CYS B 304 -17.99 7.31 21.89
N ALA B 305 -18.97 8.17 21.63
CA ALA B 305 -20.16 8.23 22.47
C ALA B 305 -21.17 7.20 22.02
N SER B 306 -21.80 6.53 22.99
CA SER B 306 -22.86 5.58 22.71
C SER B 306 -24.21 6.27 22.81
N ASP B 307 -25.23 5.62 22.24
CA ASP B 307 -26.60 6.11 22.35
C ASP B 307 -27.12 6.05 23.78
N GLU B 308 -26.40 5.38 24.69
CA GLU B 308 -26.85 5.19 26.06
C GLU B 308 -26.09 6.08 27.05
N GLY B 309 -25.52 7.19 26.57
CA GLY B 309 -24.85 8.15 27.42
C GLY B 309 -23.41 7.83 27.77
N GLU B 310 -22.89 6.69 27.36
CA GLU B 310 -21.54 6.29 27.72
C GLU B 310 -20.53 6.80 26.68
N VAL B 311 -19.28 6.87 27.11
CA VAL B 311 -18.16 7.17 26.22
C VAL B 311 -17.25 5.94 26.22
N ILE B 312 -17.02 5.39 25.04
CA ILE B 312 -16.22 4.18 24.87
C ILE B 312 -14.81 4.59 24.46
N VAL B 313 -13.84 4.35 25.32
CA VAL B 313 -12.43 4.62 25.03
C VAL B 313 -11.75 3.30 24.68
N PHE B 314 -11.00 3.28 23.59
CA PHE B 314 -10.29 2.09 23.15
C PHE B 314 -8.85 2.43 22.80
N GLY B 315 -7.95 1.50 23.10
CA GLY B 315 -6.59 1.62 22.64
C GLY B 315 -5.81 2.72 23.34
N GLY B 316 -4.84 3.26 22.63
CA GLY B 316 -3.94 4.23 23.21
C GLY B 316 -2.85 3.57 24.02
N CYS B 317 -1.97 4.41 24.55
CA CYS B 317 -0.78 3.96 25.26
C CYS B 317 -0.85 4.43 26.71
N ALA B 318 -0.46 3.55 27.64
CA ALA B 318 -0.54 3.86 29.07
C ALA B 318 0.65 4.65 29.57
N ASN B 319 1.74 4.73 28.81
CA ASN B 319 2.92 5.48 29.21
C ASN B 319 3.39 6.30 28.01
N ASN B 320 4.58 6.89 28.15
CA ASN B 320 5.15 7.72 27.09
C ASN B 320 5.46 6.85 25.87
N LEU B 321 4.59 6.93 24.86
CA LEU B 321 4.74 6.09 23.67
C LEU B 321 5.98 6.48 22.86
N LEU B 322 6.57 7.65 23.10
CA LEU B 322 7.75 8.05 22.36
C LEU B 322 8.96 7.21 22.71
N VAL B 323 8.97 6.57 23.87
CA VAL B 323 10.00 5.57 24.20
C VAL B 323 9.45 4.24 23.67
N HIS B 324 9.69 4.00 22.38
CA HIS B 324 8.99 2.93 21.67
C HIS B 324 9.23 1.58 22.32
N HIS B 325 10.48 1.28 22.69
CA HIS B 325 10.80 -0.04 23.20
C HIS B 325 10.21 -0.30 24.59
N ARG B 326 9.68 0.73 25.25
CA ARG B 326 9.01 0.57 26.54
C ARG B 326 7.53 0.89 26.47
N ALA B 327 6.99 1.17 25.29
CA ALA B 327 5.62 1.64 25.17
C ALA B 327 4.63 0.57 25.59
N ALA B 328 3.56 0.99 26.26
CA ALA B 328 2.53 0.09 26.79
C ALA B 328 1.22 0.36 26.06
N HIS B 329 1.13 -0.14 24.83
CA HIS B 329 -0.07 0.01 24.04
C HIS B 329 -1.16 -0.93 24.55
N SER B 330 -2.40 -0.48 24.44
CA SER B 330 -3.54 -1.17 25.04
C SER B 330 -4.55 -1.60 23.98
N ASN B 331 -5.27 -2.69 24.29
CA ASN B 331 -6.47 -3.08 23.57
C ASN B 331 -7.68 -3.08 24.48
N GLU B 332 -7.61 -2.34 25.60
CA GLU B 332 -8.68 -2.35 26.57
C GLU B 332 -9.78 -1.37 26.18
N ILE B 333 -11.01 -1.75 26.51
CA ILE B 333 -12.17 -0.86 26.41
C ILE B 333 -12.41 -0.26 27.79
N LEU B 334 -12.39 1.06 27.86
CA LEU B 334 -12.80 1.79 29.06
C LEU B 334 -14.16 2.42 28.80
N ILE B 335 -15.10 2.20 29.71
CA ILE B 335 -16.47 2.69 29.56
C ILE B 335 -16.72 3.75 30.63
N PHE B 336 -16.99 4.97 30.20
CA PHE B 336 -17.30 6.08 31.10
C PHE B 336 -18.80 6.33 31.05
N SER B 337 -19.46 6.19 32.21
CA SER B 337 -20.91 6.41 32.29
C SER B 337 -21.13 7.89 32.61
N VAL B 338 -21.18 8.70 31.55
CA VAL B 338 -21.41 10.13 31.71
C VAL B 338 -22.89 10.49 31.78
N GLN B 339 -23.77 9.61 31.32
CA GLN B 339 -25.20 9.87 31.31
C GLN B 339 -25.52 11.20 30.63
#